data_2BCP
#
_entry.id   2BCP
#
_cell.length_a   71.320
_cell.length_b   85.085
_cell.length_c   148.456
_cell.angle_alpha   90.00
_cell.angle_beta   90.00
_cell.angle_gamma   90.00
#
_symmetry.space_group_name_H-M   'P 21 21 21'
#
loop_
_entity.id
_entity.type
_entity.pdbx_description
1 polymer 'NADH Oxidase'
2 non-polymer 'AZIDE ION'
3 non-polymer 'FLAVIN-ADENINE DINUCLEOTIDE'
4 water water
#
_entity_poly.entity_id   1
_entity_poly.type   'polypeptide(L)'
_entity_poly.pdbx_seq_one_letter_code
;MGGSHHHHHHGMASMTGGQQMGRTLYDDDDKDRWGSKIVVVGANHAGTACIKTMLTNYGDANEIVVFDQNSNISFLGSGM
ALWIGEQIAGPEGLFYSDKEELESLGAKVYMESPVQSIDYDAKTVTALVDGKNHVETYDKLIFATGSQPILPPIKGAEIK
EGSLEFEATLENLQFVKLYQNSADVIAKLENKDIKRVAVVGAGYIGVELAEAFQRKGKEVVLIDVVDTCLAGYYDRDLTD
LMAKNMEEHGIQLAFGETVKEVAGNGKVEKIITDKNEYDVDMVILAVGFRPNTTLGNGKIDLFRNGAFLVNKRQETSIPG
VYAIGDCATIYDNATRDTNYIALASNAVRTGIVAAHNACGTDLEGIGVQGSNGISIYGLHMVSTGLTLEKAKRLGFDAAV
TEYTDNQKPEFIEHGNFPVTIKIVYDKDSRRILGAQMAAREDVSMGIHMFSLAIQEGVTIEKLALTDIFFLPHFNKPYNY
ITMAALGAKD
;
_entity_poly.pdbx_strand_id   A,B
#
loop_
_chem_comp.id
_chem_comp.type
_chem_comp.name
_chem_comp.formula
AZI non-polymer 'AZIDE ION' 'N3 -1'
FAD non-polymer 'FLAVIN-ADENINE DINUCLEOTIDE' 'C27 H33 N9 O15 P2'
#
# COMPACT_ATOMS: atom_id res chain seq x y z
N GLY A 18 2.07 9.72 21.63
CA GLY A 18 2.42 8.34 22.09
C GLY A 18 1.64 7.26 21.36
N GLN A 19 1.64 6.05 21.92
CA GLN A 19 0.95 4.91 21.32
C GLN A 19 0.54 3.87 22.38
N GLN A 20 -0.70 3.97 22.85
CA GLN A 20 -1.26 3.08 23.87
C GLN A 20 -2.75 2.83 23.57
N MET A 21 -3.19 1.58 23.60
CA MET A 21 -4.59 1.24 23.34
C MET A 21 -5.23 0.44 24.46
N GLY A 22 -6.27 -0.32 24.11
CA GLY A 22 -6.97 -1.15 25.07
C GLY A 22 -6.89 -2.63 24.75
N ARG A 23 -8.04 -3.29 24.72
CA ARG A 23 -8.09 -4.72 24.42
C ARG A 23 -8.05 -5.01 22.92
N THR A 24 -7.24 -6.01 22.55
CA THR A 24 -7.12 -6.39 21.14
C THR A 24 -8.34 -7.25 20.77
N LEU A 25 -8.39 -7.70 19.52
CA LEU A 25 -9.51 -8.51 19.04
C LEU A 25 -9.39 -9.99 19.36
N TYR A 26 -8.25 -10.41 19.89
CA TYR A 26 -8.05 -11.82 20.22
C TYR A 26 -8.54 -12.13 21.62
N ASP A 27 -8.52 -11.11 22.48
CA ASP A 27 -8.97 -11.24 23.87
C ASP A 27 -10.12 -12.24 23.97
N ASP A 28 -9.81 -13.43 24.47
CA ASP A 28 -10.78 -14.52 24.61
C ASP A 28 -11.35 -14.56 26.04
N ASP A 29 -12.63 -14.93 26.15
CA ASP A 29 -13.30 -15.03 27.45
C ASP A 29 -12.70 -16.21 28.22
N ASP A 30 -12.13 -15.91 29.39
CA ASP A 30 -11.53 -16.96 30.22
C ASP A 30 -12.61 -17.89 30.77
N LYS A 31 -12.71 -19.08 30.17
CA LYS A 31 -13.69 -20.05 30.59
C LYS A 31 -13.21 -20.82 31.83
N ASP A 32 -12.28 -21.75 31.62
CA ASP A 32 -11.73 -22.53 32.72
C ASP A 32 -10.25 -22.78 32.57
N ARG A 33 -9.49 -21.70 32.72
CA ARG A 33 -8.04 -21.73 32.62
C ARG A 33 -7.46 -21.32 33.98
N TRP A 34 -6.29 -21.83 34.34
CA TRP A 34 -5.66 -21.47 35.61
C TRP A 34 -5.24 -20.01 35.56
N GLY A 35 -5.19 -19.39 36.74
CA GLY A 35 -4.74 -18.00 36.80
C GLY A 35 -3.23 -18.03 36.97
N SER A 36 -2.55 -17.73 35.88
CA SER A 36 -1.09 -17.77 35.88
C SER A 36 -0.32 -16.53 36.33
N LYS A 37 0.81 -16.80 36.98
CA LYS A 37 1.71 -15.74 37.42
C LYS A 37 2.72 -15.69 36.27
N ILE A 38 2.81 -14.55 35.60
CA ILE A 38 3.71 -14.43 34.47
C ILE A 38 4.90 -13.49 34.70
N VAL A 39 6.10 -14.03 34.57
CA VAL A 39 7.32 -13.25 34.75
C VAL A 39 7.92 -12.91 33.39
N VAL A 40 8.19 -11.62 33.18
CA VAL A 40 8.76 -11.15 31.92
C VAL A 40 10.18 -10.62 32.14
N VAL A 41 11.14 -11.16 31.40
CA VAL A 41 12.52 -10.71 31.52
C VAL A 41 12.80 -9.75 30.36
N GLY A 42 12.93 -8.47 30.67
CA GLY A 42 13.17 -7.49 29.64
C GLY A 42 11.87 -6.78 29.35
N ALA A 43 11.86 -5.46 29.45
CA ALA A 43 10.65 -4.70 29.22
C ALA A 43 10.83 -3.63 28.16
N ASN A 44 11.64 -3.91 27.15
CA ASN A 44 11.86 -2.94 26.08
C ASN A 44 10.76 -3.08 25.00
N HIS A 45 11.12 -2.94 23.72
CA HIS A 45 10.12 -3.02 22.66
C HIS A 45 9.26 -4.29 22.64
N ALA A 46 9.88 -5.46 22.76
CA ALA A 46 9.12 -6.70 22.77
C ALA A 46 8.44 -6.90 24.14
N GLY A 47 9.19 -6.68 25.22
CA GLY A 47 8.63 -6.84 26.55
C GLY A 47 7.44 -5.95 26.83
N THR A 48 7.56 -4.67 26.51
CA THR A 48 6.47 -3.73 26.73
C THR A 48 5.24 -4.14 25.94
N ALA A 49 5.43 -4.49 24.66
CA ALA A 49 4.32 -4.90 23.81
C ALA A 49 3.59 -6.09 24.45
N CYS A 50 4.36 -7.09 24.87
CA CYS A 50 3.81 -8.28 25.49
C CYS A 50 3.09 -7.96 26.81
N ILE A 51 3.75 -7.20 27.66
CA ILE A 51 3.18 -6.85 28.96
C ILE A 51 1.86 -6.09 28.86
N LYS A 52 1.86 -4.99 28.11
CA LYS A 52 0.64 -4.21 27.94
C LYS A 52 -0.50 -5.04 27.36
N THR A 53 -0.18 -5.94 26.43
CA THR A 53 -1.21 -6.78 25.84
C THR A 53 -1.84 -7.69 26.87
N MET A 54 -1.01 -8.26 27.74
CA MET A 54 -1.50 -9.15 28.80
C MET A 54 -2.36 -8.38 29.81
N LEU A 55 -1.88 -7.22 30.23
CA LEU A 55 -2.61 -6.42 31.20
C LEU A 55 -3.90 -5.79 30.66
N THR A 56 -3.83 -5.15 29.50
CA THR A 56 -5.00 -4.52 28.93
C THR A 56 -6.05 -5.50 28.41
N ASN A 57 -5.68 -6.78 28.32
CA ASN A 57 -6.61 -7.80 27.81
C ASN A 57 -7.13 -8.81 28.82
N TYR A 58 -6.29 -9.21 29.78
CA TYR A 58 -6.70 -10.19 30.77
C TYR A 58 -6.58 -9.65 32.18
N GLY A 59 -6.20 -8.38 32.27
CA GLY A 59 -6.03 -7.70 33.54
C GLY A 59 -5.61 -8.48 34.77
N ASP A 60 -6.41 -8.34 35.82
CA ASP A 60 -6.21 -8.94 37.13
C ASP A 60 -6.20 -10.47 37.18
N ALA A 61 -6.58 -11.11 36.08
CA ALA A 61 -6.61 -12.58 36.03
C ALA A 61 -5.23 -13.21 36.13
N ASN A 62 -4.18 -12.42 35.89
CA ASN A 62 -2.81 -12.91 35.96
C ASN A 62 -1.93 -11.91 36.71
N GLU A 63 -0.91 -12.41 37.41
CA GLU A 63 0.02 -11.53 38.12
C GLU A 63 1.24 -11.30 37.22
N ILE A 64 1.43 -10.07 36.77
CA ILE A 64 2.56 -9.76 35.90
C ILE A 64 3.73 -9.12 36.66
N VAL A 65 4.88 -9.80 36.65
CA VAL A 65 6.09 -9.32 37.30
C VAL A 65 7.16 -9.12 36.24
N VAL A 66 7.80 -7.95 36.26
CA VAL A 66 8.79 -7.63 35.24
C VAL A 66 10.17 -7.28 35.78
N PHE A 67 11.19 -7.68 35.03
CA PHE A 67 12.55 -7.38 35.40
C PHE A 67 13.27 -6.81 34.19
N ASP A 68 14.01 -5.73 34.38
CA ASP A 68 14.80 -5.16 33.30
C ASP A 68 16.04 -4.61 33.95
N GLN A 69 17.19 -4.97 33.41
CA GLN A 69 18.46 -4.53 33.96
C GLN A 69 18.80 -3.09 33.65
N ASN A 70 18.17 -2.51 32.63
CA ASN A 70 18.46 -1.13 32.25
C ASN A 70 17.71 -0.15 33.13
N SER A 71 18.01 1.14 33.00
CA SER A 71 17.34 2.17 33.79
C SER A 71 16.24 2.89 33.00
N ASN A 72 16.10 2.55 31.73
CA ASN A 72 15.08 3.13 30.85
C ASN A 72 14.59 2.05 29.90
N ILE A 73 13.39 2.23 29.35
CA ILE A 73 12.80 1.29 28.41
C ILE A 73 12.02 2.04 27.32
N SER A 74 11.93 1.42 26.15
CA SER A 74 11.22 1.94 24.99
C SER A 74 11.97 2.94 24.11
N PHE A 75 13.26 3.13 24.37
CA PHE A 75 14.03 4.05 23.55
C PHE A 75 14.06 3.55 22.11
N LEU A 76 13.60 4.39 21.19
CA LEU A 76 13.58 4.04 19.77
C LEU A 76 14.98 4.14 19.16
N GLY A 77 15.57 2.99 18.82
CA GLY A 77 16.89 2.98 18.23
C GLY A 77 17.11 3.95 17.07
N SER A 78 16.12 4.05 16.19
CA SER A 78 16.21 4.94 15.04
C SER A 78 16.31 6.40 15.45
N GLY A 79 16.13 6.67 16.74
CA GLY A 79 16.19 8.03 17.23
C GLY A 79 17.62 8.52 17.33
N MET A 80 18.57 7.60 17.40
CA MET A 80 19.98 7.97 17.50
C MET A 80 20.44 8.83 16.32
N ALA A 81 20.19 8.35 15.11
CA ALA A 81 20.59 9.09 13.91
C ALA A 81 19.81 10.39 13.74
N LEU A 82 18.52 10.38 14.08
CA LEU A 82 17.69 11.58 13.98
C LEU A 82 18.20 12.67 14.91
N TRP A 83 18.57 12.25 16.11
CA TRP A 83 19.09 13.13 17.14
C TRP A 83 20.47 13.66 16.75
N ILE A 84 21.38 12.78 16.40
CA ILE A 84 22.71 13.20 16.00
C ILE A 84 22.64 14.10 14.78
N GLY A 85 21.87 13.68 13.76
CA GLY A 85 21.74 14.45 12.54
C GLY A 85 20.92 15.73 12.68
N GLU A 86 20.57 16.06 13.92
CA GLU A 86 19.81 17.25 14.21
C GLU A 86 18.46 17.29 13.51
N GLN A 87 17.87 16.12 13.27
CA GLN A 87 16.58 16.06 12.62
C GLN A 87 15.45 16.29 13.62
N ILE A 88 15.80 16.24 14.91
CA ILE A 88 14.86 16.46 16.00
C ILE A 88 15.65 17.24 17.03
N ALA A 89 14.97 18.11 17.77
CA ALA A 89 15.59 18.95 18.79
C ALA A 89 16.32 18.17 19.87
N GLY A 90 15.70 17.13 20.40
CA GLY A 90 16.35 16.37 21.45
C GLY A 90 15.78 14.98 21.62
N PRO A 91 16.08 14.31 22.75
CA PRO A 91 15.62 12.95 23.07
C PRO A 91 14.12 12.85 23.38
N GLU A 92 13.46 13.98 23.62
CA GLU A 92 12.05 13.93 23.95
C GLU A 92 11.25 13.27 22.84
N GLY A 93 10.43 12.30 23.23
CA GLY A 93 9.62 11.60 22.25
C GLY A 93 10.23 10.30 21.76
N LEU A 94 11.54 10.13 21.96
CA LEU A 94 12.21 8.91 21.52
C LEU A 94 11.87 7.72 22.43
N PHE A 95 11.12 8.02 23.50
CA PHE A 95 10.63 7.02 24.45
C PHE A 95 9.11 7.11 24.37
N TYR A 96 8.43 5.98 24.23
CA TYR A 96 6.98 6.02 24.14
C TYR A 96 6.30 5.37 25.35
N SER A 97 7.09 4.93 26.32
CA SER A 97 6.53 4.31 27.53
C SER A 97 7.58 4.31 28.65
N ASP A 98 7.19 3.86 29.82
CA ASP A 98 8.11 3.82 30.95
C ASP A 98 7.58 2.95 32.08
N LYS A 99 8.42 2.72 33.08
CA LYS A 99 8.06 1.91 34.24
C LYS A 99 6.70 2.29 34.79
N GLU A 100 6.55 3.58 35.10
CA GLU A 100 5.31 4.11 35.64
C GLU A 100 4.11 3.69 34.78
N GLU A 101 4.28 3.75 33.46
CA GLU A 101 3.20 3.39 32.55
C GLU A 101 2.81 1.91 32.65
N LEU A 102 3.79 1.04 32.91
CA LEU A 102 3.50 -0.39 33.04
C LEU A 102 2.85 -0.69 34.39
N GLU A 103 3.27 0.04 35.42
CA GLU A 103 2.71 -0.14 36.75
C GLU A 103 1.27 0.32 36.79
N SER A 104 0.97 1.37 36.03
CA SER A 104 -0.37 1.93 35.99
C SER A 104 -1.32 0.97 35.28
N LEU A 105 -0.77 -0.04 34.62
CA LEU A 105 -1.60 -1.03 33.92
C LEU A 105 -1.71 -2.27 34.80
N GLY A 106 -0.96 -2.29 35.90
CA GLY A 106 -1.02 -3.42 36.81
C GLY A 106 0.22 -4.26 37.00
N ALA A 107 1.29 -3.95 36.27
CA ALA A 107 2.51 -4.72 36.38
C ALA A 107 3.36 -4.33 37.57
N LYS A 108 4.17 -5.28 38.05
CA LYS A 108 5.10 -5.03 39.15
C LYS A 108 6.43 -4.97 38.42
N VAL A 109 7.05 -3.79 38.41
CA VAL A 109 8.28 -3.59 37.67
C VAL A 109 9.56 -3.35 38.47
N TYR A 110 10.58 -4.15 38.18
CA TYR A 110 11.89 -4.01 38.82
C TYR A 110 12.90 -3.56 37.77
N MET A 111 13.28 -2.28 37.82
CA MET A 111 14.25 -1.74 36.87
C MET A 111 15.65 -1.94 37.42
N GLU A 112 16.64 -1.78 36.55
CA GLU A 112 18.03 -1.96 36.95
C GLU A 112 18.19 -3.21 37.79
N SER A 113 17.41 -4.23 37.46
CA SER A 113 17.44 -5.50 38.16
C SER A 113 17.72 -6.61 37.16
N PRO A 114 18.99 -6.99 36.99
CA PRO A 114 19.29 -8.06 36.05
C PRO A 114 18.89 -9.46 36.56
N VAL A 115 18.22 -10.23 35.71
CA VAL A 115 17.86 -11.60 36.05
C VAL A 115 19.14 -12.37 35.76
N GLN A 116 19.65 -13.11 36.73
CA GLN A 116 20.90 -13.82 36.53
C GLN A 116 20.89 -15.33 36.40
N SER A 117 19.76 -15.96 36.69
CA SER A 117 19.65 -17.40 36.55
C SER A 117 18.21 -17.80 36.68
N ILE A 118 17.85 -18.86 35.97
CA ILE A 118 16.49 -19.37 35.98
C ILE A 118 16.54 -20.81 36.45
N ASP A 119 15.52 -21.23 37.19
CA ASP A 119 15.45 -22.61 37.65
C ASP A 119 14.16 -23.12 37.03
N TYR A 120 14.29 -23.88 35.96
CA TYR A 120 13.11 -24.39 35.27
C TYR A 120 12.37 -25.49 36.01
N ASP A 121 13.06 -26.16 36.93
CA ASP A 121 12.40 -27.23 37.68
C ASP A 121 11.62 -26.65 38.85
N ALA A 122 12.22 -25.72 39.57
CA ALA A 122 11.56 -25.07 40.70
C ALA A 122 10.64 -23.98 40.17
N LYS A 123 10.87 -23.57 38.92
CA LYS A 123 10.11 -22.51 38.27
C LYS A 123 10.29 -21.19 38.97
N THR A 124 11.54 -20.74 39.06
CA THR A 124 11.83 -19.47 39.70
C THR A 124 12.94 -18.80 38.91
N VAL A 125 13.08 -17.50 39.13
CA VAL A 125 14.13 -16.74 38.49
C VAL A 125 14.80 -16.00 39.62
N THR A 126 16.08 -15.73 39.47
CA THR A 126 16.80 -14.99 40.50
C THR A 126 17.37 -13.76 39.83
N ALA A 127 17.06 -12.61 40.40
CA ALA A 127 17.50 -11.34 39.86
C ALA A 127 18.27 -10.58 40.91
N LEU A 128 18.98 -9.55 40.48
CA LEU A 128 19.74 -8.73 41.39
C LEU A 128 18.94 -7.45 41.63
N VAL A 129 18.22 -7.43 42.75
CA VAL A 129 17.42 -6.26 43.11
C VAL A 129 18.08 -5.55 44.29
N ASP A 130 18.40 -4.27 44.09
CA ASP A 130 19.08 -3.46 45.11
C ASP A 130 20.22 -4.30 45.68
N GLY A 131 21.09 -4.77 44.81
CA GLY A 131 22.22 -5.60 45.24
C GLY A 131 21.75 -6.60 46.27
N LYS A 132 21.17 -7.71 45.80
CA LYS A 132 20.67 -8.77 46.68
C LYS A 132 19.91 -9.77 45.83
N ASN A 133 20.20 -11.06 46.03
CA ASN A 133 19.51 -12.07 45.25
C ASN A 133 18.02 -12.03 45.54
N HIS A 134 17.24 -11.81 44.50
CA HIS A 134 15.79 -11.75 44.61
C HIS A 134 15.19 -12.95 43.90
N VAL A 135 14.46 -13.79 44.63
CA VAL A 135 13.86 -14.95 44.00
C VAL A 135 12.37 -14.71 43.72
N GLU A 136 11.98 -14.98 42.47
CA GLU A 136 10.60 -14.80 42.02
C GLU A 136 10.15 -16.11 41.37
N THR A 137 8.97 -16.59 41.78
CA THR A 137 8.43 -17.82 41.23
C THR A 137 7.59 -17.43 40.01
N TYR A 138 7.26 -18.41 39.17
CA TYR A 138 6.47 -18.14 37.97
C TYR A 138 5.75 -19.38 37.46
N ASP A 139 4.67 -19.16 36.71
CA ASP A 139 3.93 -20.26 36.09
C ASP A 139 4.30 -20.18 34.61
N LYS A 140 4.37 -18.97 34.10
CA LYS A 140 4.74 -18.71 32.70
C LYS A 140 5.94 -17.77 32.73
N LEU A 141 6.90 -18.03 31.85
CA LEU A 141 8.11 -17.23 31.76
C LEU A 141 8.29 -16.72 30.33
N ILE A 142 8.42 -15.40 30.17
CA ILE A 142 8.59 -14.81 28.85
C ILE A 142 9.91 -14.05 28.71
N PHE A 143 10.81 -14.56 27.86
CA PHE A 143 12.09 -13.91 27.63
C PHE A 143 11.95 -12.82 26.58
N ALA A 144 12.27 -11.58 26.95
CA ALA A 144 12.22 -10.45 26.04
C ALA A 144 13.58 -9.78 26.23
N THR A 145 14.62 -10.60 26.35
CA THR A 145 15.99 -10.13 26.59
C THR A 145 16.74 -9.51 25.41
N GLY A 146 16.12 -9.48 24.25
CA GLY A 146 16.75 -8.89 23.07
C GLY A 146 18.13 -9.37 22.66
N SER A 147 18.98 -8.41 22.29
CA SER A 147 20.31 -8.69 21.82
C SER A 147 21.34 -7.68 22.34
N GLN A 148 22.58 -7.81 21.85
CA GLN A 148 23.64 -6.89 22.22
C GLN A 148 24.62 -6.83 21.07
N PRO A 149 25.27 -5.68 20.87
CA PRO A 149 26.24 -5.47 19.78
C PRO A 149 27.42 -6.43 19.77
N ILE A 150 27.83 -6.80 18.56
CA ILE A 150 28.95 -7.72 18.38
C ILE A 150 30.24 -6.91 18.28
N LEU A 151 31.25 -7.33 19.03
CA LEU A 151 32.55 -6.67 18.98
C LEU A 151 33.40 -7.46 17.99
N PRO A 152 33.77 -6.82 16.87
CA PRO A 152 34.57 -7.43 15.81
C PRO A 152 36.04 -7.54 16.19
N PRO A 153 36.76 -8.52 15.63
CA PRO A 153 38.19 -8.67 15.94
C PRO A 153 38.98 -7.53 15.31
N ILE A 154 39.03 -6.41 16.00
CA ILE A 154 39.74 -5.23 15.53
C ILE A 154 40.72 -4.80 16.62
N LYS A 155 42.00 -4.64 16.25
CA LYS A 155 42.99 -4.24 17.23
C LYS A 155 42.66 -2.85 17.76
N GLY A 156 42.65 -2.71 19.08
CA GLY A 156 42.34 -1.42 19.69
C GLY A 156 40.90 -1.28 20.11
N ALA A 157 40.06 -2.21 19.65
CA ALA A 157 38.64 -2.18 19.97
C ALA A 157 38.34 -3.16 21.09
N GLU A 158 38.07 -2.63 22.27
CA GLU A 158 37.76 -3.46 23.41
C GLU A 158 36.83 -2.75 24.38
N ILE A 159 36.03 -3.54 25.08
CA ILE A 159 35.09 -2.99 26.04
C ILE A 159 35.70 -3.07 27.43
N LYS A 160 35.43 -2.05 28.25
CA LYS A 160 35.95 -2.02 29.61
C LYS A 160 35.34 -3.14 30.43
N GLU A 161 36.18 -4.04 30.93
CA GLU A 161 35.71 -5.18 31.73
C GLU A 161 34.60 -4.77 32.70
N GLY A 162 33.56 -5.59 32.78
CA GLY A 162 32.47 -5.30 33.68
C GLY A 162 31.48 -4.25 33.23
N SER A 163 31.80 -3.50 32.17
CA SER A 163 30.89 -2.46 31.69
C SER A 163 29.60 -3.12 31.22
N LEU A 164 28.47 -2.51 31.54
CA LEU A 164 27.18 -3.06 31.15
C LEU A 164 26.52 -2.15 30.12
N GLU A 165 27.22 -1.12 29.69
CA GLU A 165 26.69 -0.19 28.71
C GLU A 165 27.61 -0.07 27.50
N PHE A 166 28.36 -1.13 27.25
CA PHE A 166 29.29 -1.21 26.13
C PHE A 166 30.19 0.00 25.97
N GLU A 167 31.04 0.23 26.95
CA GLU A 167 31.96 1.36 26.91
C GLU A 167 33.32 0.88 26.43
N ALA A 168 33.79 1.45 25.33
CA ALA A 168 35.08 1.08 24.78
C ALA A 168 36.19 1.57 25.70
N THR A 169 37.33 0.90 25.68
CA THR A 169 38.44 1.31 26.50
C THR A 169 39.09 2.54 25.87
N LEU A 170 39.03 2.64 24.54
CA LEU A 170 39.62 3.76 23.83
C LEU A 170 38.65 4.93 23.72
N GLU A 171 39.11 6.09 24.14
CA GLU A 171 38.29 7.29 24.10
C GLU A 171 37.83 7.60 22.67
N ASN A 172 36.52 7.81 22.51
CA ASN A 172 35.88 8.12 21.24
C ASN A 172 35.61 6.95 20.30
N LEU A 173 35.73 5.73 20.83
CA LEU A 173 35.41 4.54 20.06
C LEU A 173 34.01 4.27 20.59
N GLN A 174 33.01 4.38 19.72
CA GLN A 174 31.62 4.23 20.14
C GLN A 174 30.85 3.01 19.65
N PHE A 175 29.96 2.51 20.50
CA PHE A 175 29.11 1.37 20.17
C PHE A 175 27.68 1.89 19.98
N VAL A 176 26.84 1.06 19.37
CA VAL A 176 25.45 1.43 19.11
C VAL A 176 24.50 0.42 19.74
N LYS A 177 23.60 0.90 20.61
CA LYS A 177 22.64 0.00 21.25
C LYS A 177 21.65 0.68 22.20
N LEU A 178 22.17 1.29 23.26
CA LEU A 178 21.31 1.92 24.26
C LEU A 178 21.14 3.42 24.08
N TYR A 179 20.25 3.98 24.89
CA TYR A 179 20.00 5.43 24.88
C TYR A 179 21.29 6.09 25.39
N GLN A 180 21.89 5.46 26.39
CA GLN A 180 23.13 5.96 26.97
C GLN A 180 24.20 6.10 25.89
N ASN A 181 24.32 5.09 25.04
CA ASN A 181 25.30 5.11 23.96
C ASN A 181 25.06 6.30 23.02
N SER A 182 23.78 6.59 22.77
CA SER A 182 23.40 7.70 21.90
C SER A 182 23.75 9.04 22.56
N ALA A 183 23.34 9.21 23.82
CA ALA A 183 23.63 10.43 24.57
C ALA A 183 25.15 10.62 24.67
N ASP A 184 25.87 9.53 24.87
CA ASP A 184 27.33 9.56 24.99
C ASP A 184 27.93 10.26 23.77
N VAL A 185 27.48 9.84 22.60
CA VAL A 185 27.94 10.39 21.32
C VAL A 185 27.55 11.85 21.18
N ILE A 186 26.29 12.17 21.48
CA ILE A 186 25.82 13.53 21.38
C ILE A 186 26.70 14.44 22.20
N ALA A 187 27.01 14.01 23.42
CA ALA A 187 27.85 14.79 24.33
C ALA A 187 29.26 14.94 23.76
N LYS A 188 29.88 13.82 23.42
CA LYS A 188 31.23 13.87 22.87
C LYS A 188 31.26 14.78 21.64
N LEU A 189 30.23 14.71 20.80
CA LEU A 189 30.19 15.54 19.60
C LEU A 189 30.22 17.02 19.97
N GLU A 190 29.98 17.33 21.24
CA GLU A 190 30.00 18.72 21.69
C GLU A 190 31.45 19.16 21.78
N ASN A 191 32.35 18.25 21.39
CA ASN A 191 33.79 18.50 21.39
C ASN A 191 34.20 18.96 19.98
N LYS A 192 34.67 20.20 19.86
CA LYS A 192 35.08 20.76 18.57
C LYS A 192 36.30 20.07 17.96
N ASP A 193 36.87 19.12 18.70
CA ASP A 193 38.03 18.37 18.25
C ASP A 193 37.56 17.17 17.42
N ILE A 194 36.28 16.86 17.52
CA ILE A 194 35.71 15.77 16.75
C ILE A 194 35.32 16.36 15.40
N LYS A 195 36.18 16.20 14.41
CA LYS A 195 35.92 16.72 13.07
C LYS A 195 35.75 15.60 12.02
N ARG A 196 36.37 14.45 12.26
CA ARG A 196 36.27 13.34 11.34
C ARG A 196 35.76 12.08 12.01
N VAL A 197 34.69 11.51 11.45
CA VAL A 197 34.10 10.31 11.99
C VAL A 197 34.16 9.17 11.00
N ALA A 198 34.49 7.98 11.48
CA ALA A 198 34.51 6.82 10.64
C ALA A 198 33.37 5.94 11.14
N VAL A 199 32.54 5.46 10.21
CA VAL A 199 31.41 4.60 10.56
C VAL A 199 31.73 3.22 10.00
N VAL A 200 31.80 2.23 10.88
CA VAL A 200 32.12 0.87 10.47
C VAL A 200 30.88 -0.01 10.35
N GLY A 201 30.55 -0.40 9.12
CA GLY A 201 29.38 -1.21 8.88
C GLY A 201 28.44 -0.37 8.03
N ALA A 202 28.14 -0.84 6.82
CA ALA A 202 27.28 -0.08 5.92
C ALA A 202 25.86 -0.64 5.79
N GLY A 203 25.39 -1.30 6.85
CA GLY A 203 24.03 -1.80 6.84
C GLY A 203 23.16 -0.57 7.01
N TYR A 204 21.87 -0.74 7.27
CA TYR A 204 21.03 0.43 7.40
C TYR A 204 21.41 1.32 8.60
N ILE A 205 21.91 0.71 9.67
CA ILE A 205 22.29 1.49 10.84
C ILE A 205 23.48 2.41 10.52
N GLY A 206 24.51 1.86 9.90
CA GLY A 206 25.66 2.68 9.57
C GLY A 206 25.37 3.77 8.55
N VAL A 207 24.53 3.45 7.57
CA VAL A 207 24.15 4.39 6.52
C VAL A 207 23.46 5.61 7.13
N GLU A 208 22.51 5.37 8.02
CA GLU A 208 21.78 6.44 8.68
C GLU A 208 22.73 7.27 9.56
N LEU A 209 23.66 6.59 10.24
CA LEU A 209 24.62 7.26 11.10
C LEU A 209 25.60 8.08 10.25
N ALA A 210 25.91 7.60 9.05
CA ALA A 210 26.82 8.34 8.17
C ALA A 210 26.15 9.64 7.80
N GLU A 211 24.87 9.57 7.43
CA GLU A 211 24.14 10.77 7.06
C GLU A 211 24.04 11.68 8.27
N ALA A 212 23.76 11.09 9.43
CA ALA A 212 23.63 11.84 10.67
C ALA A 212 24.86 12.68 10.98
N PHE A 213 26.04 12.05 10.93
CA PHE A 213 27.29 12.74 11.21
C PHE A 213 27.60 13.81 10.17
N GLN A 214 27.30 13.51 8.91
CA GLN A 214 27.55 14.46 7.84
C GLN A 214 26.63 15.66 8.07
N ARG A 215 25.38 15.39 8.43
CA ARG A 215 24.43 16.45 8.66
C ARG A 215 24.87 17.33 9.84
N LYS A 216 25.51 16.72 10.82
CA LYS A 216 26.01 17.44 11.97
C LYS A 216 27.22 18.29 11.55
N GLY A 217 27.71 18.06 10.34
CA GLY A 217 28.84 18.81 9.82
C GLY A 217 30.21 18.17 9.95
N LYS A 218 30.27 16.88 10.23
CA LYS A 218 31.56 16.20 10.37
C LYS A 218 31.96 15.59 9.05
N GLU A 219 33.23 15.19 8.95
CA GLU A 219 33.74 14.52 7.76
C GLU A 219 33.51 13.06 8.04
N VAL A 220 32.84 12.36 7.14
CA VAL A 220 32.53 10.96 7.37
C VAL A 220 33.11 10.02 6.33
N VAL A 221 33.60 8.88 6.80
CA VAL A 221 34.11 7.85 5.93
C VAL A 221 33.34 6.59 6.36
N LEU A 222 32.59 6.01 5.43
CA LEU A 222 31.80 4.81 5.70
C LEU A 222 32.57 3.59 5.21
N ILE A 223 32.90 2.69 6.12
CA ILE A 223 33.70 1.51 5.79
C ILE A 223 32.93 0.19 5.94
N ASP A 224 33.09 -0.70 4.97
CA ASP A 224 32.44 -2.01 5.01
C ASP A 224 33.24 -3.02 4.18
N VAL A 225 33.34 -4.25 4.68
CA VAL A 225 34.08 -5.30 3.98
C VAL A 225 33.46 -5.62 2.63
N VAL A 226 32.14 -5.44 2.51
CA VAL A 226 31.44 -5.71 1.26
C VAL A 226 31.49 -4.50 0.30
N ASP A 227 31.32 -4.79 -0.98
CA ASP A 227 31.39 -3.79 -2.05
C ASP A 227 30.28 -2.75 -2.16
N THR A 228 29.30 -2.79 -1.27
CA THR A 228 28.22 -1.80 -1.31
C THR A 228 27.48 -1.76 0.04
N CYS A 229 26.55 -0.82 0.16
CA CYS A 229 25.78 -0.67 1.39
C CYS A 229 24.45 -1.41 1.26
N LEU A 230 23.76 -1.60 2.39
CA LEU A 230 22.45 -2.26 2.44
C LEU A 230 22.35 -3.54 1.63
N ALA A 231 23.47 -4.25 1.52
CA ALA A 231 23.52 -5.48 0.73
C ALA A 231 22.48 -6.55 1.07
N GLY A 232 22.06 -6.63 2.32
CA GLY A 232 21.10 -7.65 2.66
C GLY A 232 19.65 -7.32 2.40
N TYR A 233 19.36 -6.13 1.89
CA TYR A 233 17.98 -5.76 1.66
C TYR A 233 17.60 -5.17 0.32
N TYR A 234 18.58 -4.68 -0.43
CA TYR A 234 18.29 -4.12 -1.74
C TYR A 234 19.28 -4.64 -2.77
N ASP A 235 18.82 -4.79 -4.01
CA ASP A 235 19.70 -5.26 -5.06
C ASP A 235 20.64 -4.13 -5.50
N ARG A 236 21.69 -4.50 -6.22
CA ARG A 236 22.73 -3.56 -6.63
C ARG A 236 22.29 -2.26 -7.29
N ASP A 237 21.18 -2.27 -8.01
CA ASP A 237 20.73 -1.03 -8.66
C ASP A 237 20.43 0.03 -7.62
N LEU A 238 19.70 -0.37 -6.57
CA LEU A 238 19.30 0.54 -5.50
C LEU A 238 20.40 0.89 -4.51
N THR A 239 21.25 -0.08 -4.19
CA THR A 239 22.35 0.17 -3.26
C THR A 239 23.34 1.13 -3.93
N ASP A 240 23.54 0.97 -5.24
CA ASP A 240 24.44 1.85 -5.99
C ASP A 240 23.88 3.27 -5.90
N LEU A 241 22.57 3.37 -6.05
CA LEU A 241 21.87 4.65 -5.99
C LEU A 241 22.03 5.27 -4.61
N MET A 242 21.87 4.45 -3.57
CA MET A 242 22.01 4.92 -2.20
C MET A 242 23.43 5.37 -1.97
N ALA A 243 24.39 4.59 -2.46
CA ALA A 243 25.81 4.90 -2.31
C ALA A 243 26.15 6.21 -3.00
N LYS A 244 25.62 6.41 -4.20
CA LYS A 244 25.85 7.63 -4.95
C LYS A 244 25.28 8.80 -4.17
N ASN A 245 24.10 8.56 -3.59
CA ASN A 245 23.41 9.54 -2.79
C ASN A 245 24.32 10.00 -1.67
N MET A 246 24.86 9.05 -0.90
CA MET A 246 25.74 9.40 0.20
C MET A 246 26.97 10.14 -0.28
N GLU A 247 27.58 9.65 -1.35
CA GLU A 247 28.77 10.28 -1.89
C GLU A 247 28.52 11.72 -2.31
N GLU A 248 27.40 11.98 -2.96
CA GLU A 248 27.09 13.32 -3.41
C GLU A 248 26.73 14.26 -2.27
N HIS A 249 26.90 13.78 -1.04
CA HIS A 249 26.61 14.61 0.12
C HIS A 249 27.82 14.77 1.03
N GLY A 250 28.99 14.39 0.53
CA GLY A 250 30.19 14.55 1.32
C GLY A 250 30.68 13.31 2.07
N ILE A 251 29.91 12.24 2.07
CA ILE A 251 30.31 11.03 2.74
C ILE A 251 31.31 10.28 1.85
N GLN A 252 32.43 9.88 2.43
CA GLN A 252 33.45 9.15 1.70
C GLN A 252 33.17 7.66 1.84
N LEU A 253 33.21 6.96 0.71
CA LEU A 253 32.92 5.54 0.71
C LEU A 253 34.18 4.70 0.70
N ALA A 254 34.26 3.78 1.67
CA ALA A 254 35.41 2.90 1.78
C ALA A 254 34.91 1.45 1.82
N PHE A 255 34.18 1.06 0.78
CA PHE A 255 33.65 -0.29 0.67
C PHE A 255 34.76 -1.26 0.25
N GLY A 256 34.58 -2.54 0.55
CA GLY A 256 35.57 -3.52 0.18
C GLY A 256 36.83 -3.42 1.03
N GLU A 257 36.68 -2.96 2.26
CA GLU A 257 37.83 -2.83 3.18
C GLU A 257 37.56 -3.47 4.55
N THR A 258 38.51 -4.27 5.02
CA THR A 258 38.41 -4.92 6.31
C THR A 258 39.19 -4.09 7.32
N VAL A 259 38.51 -3.59 8.34
CA VAL A 259 39.18 -2.79 9.36
C VAL A 259 40.12 -3.68 10.17
N LYS A 260 41.36 -3.26 10.29
CA LYS A 260 42.37 -4.02 11.03
C LYS A 260 42.53 -3.51 12.45
N GLU A 261 42.62 -2.20 12.58
CA GLU A 261 42.86 -1.60 13.88
C GLU A 261 42.34 -0.17 14.04
N VAL A 262 42.12 0.20 15.29
CA VAL A 262 41.70 1.55 15.69
C VAL A 262 42.80 2.00 16.66
N ALA A 263 43.57 3.01 16.27
CA ALA A 263 44.68 3.50 17.09
C ALA A 263 44.58 4.93 17.55
N GLY A 264 45.52 5.32 18.41
CA GLY A 264 45.56 6.67 18.94
C GLY A 264 46.27 6.70 20.28
N ASN A 265 46.62 7.89 20.75
CA ASN A 265 47.30 8.04 22.03
C ASN A 265 46.33 8.59 23.07
N GLY A 266 45.62 7.68 23.72
CA GLY A 266 44.67 8.09 24.74
C GLY A 266 43.27 8.29 24.21
N LYS A 267 43.12 8.25 22.89
CA LYS A 267 41.82 8.43 22.24
C LYS A 267 41.94 8.02 20.78
N VAL A 268 40.79 7.87 20.12
CA VAL A 268 40.80 7.51 18.71
C VAL A 268 41.53 8.56 17.88
N GLU A 269 42.42 8.13 17.00
CA GLU A 269 43.14 9.07 16.15
C GLU A 269 43.29 8.56 14.73
N LYS A 270 43.18 7.24 14.56
CA LYS A 270 43.31 6.69 13.23
C LYS A 270 42.70 5.29 13.11
N ILE A 271 42.07 5.00 11.98
CA ILE A 271 41.50 3.67 11.78
C ILE A 271 42.23 3.06 10.60
N ILE A 272 42.70 1.83 10.77
CA ILE A 272 43.45 1.18 9.70
C ILE A 272 42.77 -0.05 9.09
N THR A 273 42.64 -0.02 7.76
CA THR A 273 42.02 -1.11 7.02
C THR A 273 43.11 -1.79 6.19
N ASP A 274 42.76 -2.85 5.47
CA ASP A 274 43.74 -3.55 4.66
C ASP A 274 44.09 -2.81 3.37
N LYS A 275 43.42 -1.69 3.10
CA LYS A 275 43.66 -0.93 1.88
C LYS A 275 43.93 0.53 2.17
N ASN A 276 43.82 0.94 3.42
CA ASN A 276 44.06 2.34 3.72
C ASN A 276 44.12 2.66 5.21
N GLU A 277 44.48 3.90 5.49
CA GLU A 277 44.55 4.40 6.85
C GLU A 277 43.85 5.74 6.85
N TYR A 278 42.94 5.94 7.79
CA TYR A 278 42.19 7.19 7.86
C TYR A 278 42.38 7.89 9.17
N ASP A 279 42.58 9.20 9.09
CA ASP A 279 42.74 10.01 10.29
C ASP A 279 41.31 10.34 10.71
N VAL A 280 40.94 9.94 11.92
CA VAL A 280 39.60 10.22 12.42
C VAL A 280 39.64 10.50 13.93
N ASP A 281 38.62 11.21 14.41
CA ASP A 281 38.53 11.57 15.82
C ASP A 281 37.47 10.77 16.56
N MET A 282 36.80 9.89 15.84
CA MET A 282 35.77 9.04 16.42
C MET A 282 35.42 7.91 15.46
N VAL A 283 35.13 6.76 16.03
CA VAL A 283 34.77 5.58 15.24
C VAL A 283 33.52 4.97 15.86
N ILE A 284 32.54 4.68 15.01
CA ILE A 284 31.28 4.09 15.45
C ILE A 284 31.19 2.68 14.89
N LEU A 285 30.88 1.72 15.74
CA LEU A 285 30.75 0.33 15.30
C LEU A 285 29.29 -0.05 15.10
N ALA A 286 28.91 -0.22 13.83
CA ALA A 286 27.55 -0.60 13.46
C ALA A 286 27.65 -1.92 12.70
N VAL A 287 28.22 -2.92 13.37
CA VAL A 287 28.42 -4.24 12.77
C VAL A 287 27.42 -5.32 13.15
N GLY A 288 26.34 -4.96 13.82
CA GLY A 288 25.36 -5.98 14.16
C GLY A 288 25.26 -6.42 15.60
N PHE A 289 24.31 -7.30 15.88
CA PHE A 289 24.09 -7.77 17.24
C PHE A 289 23.85 -9.27 17.32
N ARG A 290 23.82 -9.78 18.54
CA ARG A 290 23.58 -11.20 18.79
C ARG A 290 22.56 -11.33 19.92
N PRO A 291 21.68 -12.33 19.85
CA PRO A 291 20.65 -12.54 20.88
C PRO A 291 21.19 -12.86 22.29
N ASN A 292 20.50 -12.36 23.32
CA ASN A 292 20.89 -12.62 24.71
C ASN A 292 20.09 -13.81 25.20
N THR A 293 20.66 -15.00 25.11
CA THR A 293 19.94 -16.19 25.51
C THR A 293 20.65 -17.07 26.54
N THR A 294 21.66 -16.50 27.19
CA THR A 294 22.43 -17.24 28.18
C THR A 294 21.55 -17.79 29.33
N LEU A 295 20.52 -17.03 29.70
CA LEU A 295 19.64 -17.46 30.78
C LEU A 295 19.03 -18.82 30.46
N GLY A 296 19.01 -19.18 29.19
CA GLY A 296 18.47 -20.47 28.79
C GLY A 296 19.19 -21.61 29.46
N ASN A 297 20.48 -21.43 29.69
CA ASN A 297 21.31 -22.43 30.36
C ASN A 297 21.31 -23.76 29.60
N GLY A 298 21.16 -23.70 28.28
CA GLY A 298 21.15 -24.90 27.47
C GLY A 298 19.87 -25.70 27.55
N LYS A 299 19.03 -25.38 28.55
CA LYS A 299 17.77 -26.07 28.73
C LYS A 299 16.81 -25.79 27.58
N ILE A 300 17.06 -24.72 26.84
CA ILE A 300 16.19 -24.33 25.73
C ILE A 300 16.82 -24.48 24.35
N ASP A 301 16.06 -25.04 23.40
CA ASP A 301 16.57 -25.22 22.04
C ASP A 301 16.87 -23.86 21.43
N LEU A 302 18.07 -23.72 20.88
CA LEU A 302 18.51 -22.47 20.27
C LEU A 302 18.71 -22.57 18.76
N PHE A 303 18.56 -21.42 18.10
CA PHE A 303 18.73 -21.33 16.65
C PHE A 303 20.24 -21.28 16.45
N ARG A 304 20.68 -21.48 15.23
CA ARG A 304 22.11 -21.48 14.92
C ARG A 304 22.86 -20.25 15.47
N ASN A 305 22.17 -19.12 15.60
CA ASN A 305 22.83 -17.91 16.09
C ASN A 305 22.61 -17.64 17.58
N GLY A 306 22.13 -18.64 18.31
CA GLY A 306 21.91 -18.47 19.73
C GLY A 306 20.51 -18.04 20.12
N ALA A 307 19.71 -17.63 19.13
CA ALA A 307 18.35 -17.19 19.39
C ALA A 307 17.51 -18.35 19.94
N PHE A 308 16.57 -18.04 20.83
CA PHE A 308 15.70 -19.08 21.37
C PHE A 308 14.86 -19.53 20.19
N LEU A 309 14.79 -20.83 19.97
CA LEU A 309 13.98 -21.33 18.87
C LEU A 309 12.54 -21.38 19.35
N VAL A 310 11.63 -20.73 18.63
CA VAL A 310 10.22 -20.70 19.02
C VAL A 310 9.26 -21.04 17.88
N ASN A 311 8.10 -21.60 18.22
CA ASN A 311 7.11 -21.92 17.19
C ASN A 311 6.30 -20.66 16.88
N LYS A 312 5.19 -20.81 16.15
CA LYS A 312 4.38 -19.65 15.78
C LYS A 312 3.57 -19.03 16.92
N ARG A 313 3.66 -19.62 18.10
CA ARG A 313 2.98 -19.10 19.29
C ARG A 313 4.04 -18.50 20.21
N GLN A 314 5.26 -18.42 19.67
CA GLN A 314 6.42 -17.88 20.37
C GLN A 314 6.83 -18.72 21.57
N GLU A 315 6.37 -19.96 21.63
CA GLU A 315 6.72 -20.82 22.74
C GLU A 315 8.03 -21.55 22.46
N THR A 316 8.89 -21.64 23.48
CA THR A 316 10.19 -22.31 23.35
C THR A 316 10.02 -23.82 23.52
N SER A 317 11.14 -24.54 23.51
CA SER A 317 11.10 -25.99 23.67
C SER A 317 10.65 -26.37 25.07
N ILE A 318 10.53 -25.39 25.96
CA ILE A 318 10.06 -25.67 27.31
C ILE A 318 8.65 -25.08 27.47
N PRO A 319 7.67 -25.93 27.82
CA PRO A 319 6.28 -25.49 28.00
C PRO A 319 6.18 -24.37 29.04
N GLY A 320 5.34 -23.38 28.77
CA GLY A 320 5.18 -22.27 29.70
C GLY A 320 6.28 -21.22 29.61
N VAL A 321 7.29 -21.50 28.79
CA VAL A 321 8.41 -20.58 28.61
C VAL A 321 8.33 -20.03 27.18
N TYR A 322 8.24 -18.71 27.06
CA TYR A 322 8.15 -18.05 25.77
C TYR A 322 9.33 -17.11 25.51
N ALA A 323 9.61 -16.87 24.24
CA ALA A 323 10.69 -15.97 23.84
C ALA A 323 10.14 -15.08 22.73
N ILE A 324 10.45 -13.79 22.80
CA ILE A 324 9.98 -12.83 21.82
C ILE A 324 11.08 -11.81 21.49
N GLY A 325 10.81 -11.00 20.47
CA GLY A 325 11.78 -9.99 20.09
C GLY A 325 13.10 -10.54 19.57
N ASP A 326 14.13 -9.71 19.68
CA ASP A 326 15.46 -10.05 19.19
C ASP A 326 16.17 -11.20 19.89
N CYS A 327 15.59 -11.77 20.94
CA CYS A 327 16.24 -12.88 21.61
C CYS A 327 15.69 -14.20 21.05
N ALA A 328 14.73 -14.10 20.15
CA ALA A 328 14.11 -15.29 19.58
C ALA A 328 14.04 -15.26 18.05
N THR A 329 13.67 -16.40 17.48
CA THR A 329 13.53 -16.52 16.03
C THR A 329 12.15 -16.03 15.63
N ILE A 330 11.88 -16.06 14.34
CA ILE A 330 10.60 -15.65 13.79
C ILE A 330 10.40 -16.50 12.52
N TYR A 331 9.16 -16.60 12.04
CA TYR A 331 8.92 -17.36 10.83
C TYR A 331 8.91 -16.40 9.65
N ASP A 332 9.75 -16.70 8.67
CA ASP A 332 9.89 -15.91 7.46
C ASP A 332 9.05 -16.55 6.36
N ASN A 333 8.04 -15.83 5.89
CA ASN A 333 7.18 -16.34 4.84
C ASN A 333 7.81 -16.30 3.45
N ALA A 334 8.85 -15.48 3.28
CA ALA A 334 9.54 -15.34 2.00
C ALA A 334 10.40 -16.58 1.75
N THR A 335 11.14 -16.98 2.77
CA THR A 335 11.99 -18.17 2.67
C THR A 335 11.22 -19.40 3.13
N ARG A 336 10.10 -19.20 3.81
CA ARG A 336 9.30 -20.30 4.32
C ARG A 336 10.07 -21.19 5.27
N ASP A 337 10.82 -20.55 6.15
CA ASP A 337 11.60 -21.26 7.16
C ASP A 337 11.80 -20.36 8.37
N THR A 338 12.17 -20.99 9.48
CA THR A 338 12.45 -20.28 10.72
C THR A 338 13.59 -19.37 10.32
N ASN A 339 13.63 -18.17 10.91
CA ASN A 339 14.67 -17.22 10.58
C ASN A 339 14.94 -16.29 11.76
N TYR A 340 15.76 -15.28 11.52
CA TYR A 340 16.10 -14.31 12.55
C TYR A 340 16.13 -12.90 11.93
N ILE A 341 15.12 -12.09 12.28
CA ILE A 341 14.99 -10.73 11.77
C ILE A 341 14.83 -9.76 12.94
N ALA A 342 15.92 -9.08 13.30
CA ALA A 342 15.92 -8.13 14.42
C ALA A 342 15.34 -6.78 14.02
N LEU A 343 14.03 -6.63 14.21
CA LEU A 343 13.35 -5.39 13.87
C LEU A 343 12.32 -5.07 14.94
N ALA A 344 12.16 -3.77 15.21
CA ALA A 344 11.20 -3.35 16.22
C ALA A 344 9.79 -3.83 15.84
N SER A 345 9.51 -3.88 14.54
CA SER A 345 8.21 -4.33 14.09
C SER A 345 7.93 -5.77 14.51
N ASN A 346 8.94 -6.64 14.41
CA ASN A 346 8.75 -8.04 14.83
C ASN A 346 8.67 -8.15 16.34
N ALA A 347 9.38 -7.26 17.02
CA ALA A 347 9.39 -7.24 18.49
C ALA A 347 7.95 -7.00 19.00
N VAL A 348 7.24 -6.06 18.39
CA VAL A 348 5.88 -5.74 18.78
C VAL A 348 4.90 -6.89 18.54
N ARG A 349 4.97 -7.49 17.35
CA ARG A 349 4.07 -8.58 17.02
C ARG A 349 4.32 -9.87 17.79
N THR A 350 5.58 -10.29 17.92
CA THR A 350 5.86 -11.52 18.66
C THR A 350 5.41 -11.32 20.12
N GLY A 351 5.55 -10.07 20.60
CA GLY A 351 5.14 -9.75 21.95
C GLY A 351 3.64 -9.89 22.13
N ILE A 352 2.90 -9.44 21.12
CA ILE A 352 1.46 -9.54 21.17
C ILE A 352 1.01 -11.00 21.13
N VAL A 353 1.62 -11.78 20.24
CA VAL A 353 1.29 -13.20 20.09
C VAL A 353 1.53 -13.96 21.39
N ALA A 354 2.73 -13.76 21.96
CA ALA A 354 3.13 -14.42 23.20
C ALA A 354 2.20 -14.07 24.35
N ALA A 355 1.86 -12.79 24.47
CA ALA A 355 0.97 -12.34 25.54
C ALA A 355 -0.32 -13.17 25.60
N HIS A 356 -1.00 -13.27 24.47
CA HIS A 356 -2.25 -14.01 24.38
C HIS A 356 -2.12 -15.50 24.71
N ASN A 357 -1.05 -16.12 24.24
CA ASN A 357 -0.85 -17.53 24.51
C ASN A 357 -0.57 -17.82 25.97
N ALA A 358 0.38 -17.08 26.56
CA ALA A 358 0.71 -17.28 27.97
C ALA A 358 -0.50 -16.98 28.86
N CYS A 359 -1.45 -16.20 28.34
CA CYS A 359 -2.64 -15.87 29.11
C CYS A 359 -3.78 -16.82 28.83
N GLY A 360 -3.51 -17.87 28.07
CA GLY A 360 -4.53 -18.86 27.78
C GLY A 360 -5.29 -18.74 26.48
N THR A 361 -4.98 -17.74 25.66
CA THR A 361 -5.68 -17.59 24.38
C THR A 361 -4.85 -18.16 23.25
N ASP A 362 -5.35 -19.23 22.64
CA ASP A 362 -4.65 -19.86 21.54
C ASP A 362 -4.56 -18.91 20.35
N LEU A 363 -3.35 -18.44 20.06
CA LEU A 363 -3.15 -17.52 18.94
C LEU A 363 -1.89 -17.87 18.16
N GLU A 364 -2.06 -18.26 16.90
CA GLU A 364 -0.94 -18.60 16.03
C GLU A 364 -0.43 -17.40 15.24
N GLY A 365 0.87 -17.12 15.33
CA GLY A 365 1.45 -16.02 14.58
C GLY A 365 1.39 -16.43 13.12
N ILE A 366 1.57 -15.47 12.22
CA ILE A 366 1.49 -15.78 10.79
C ILE A 366 2.78 -15.58 10.01
N GLY A 367 3.87 -15.29 10.72
CA GLY A 367 5.15 -15.08 10.06
C GLY A 367 5.33 -13.65 9.60
N VAL A 368 6.56 -13.31 9.21
CA VAL A 368 6.85 -11.96 8.72
C VAL A 368 7.66 -12.01 7.42
N GLN A 369 7.79 -10.86 6.76
CA GLN A 369 8.54 -10.79 5.50
C GLN A 369 9.78 -9.91 5.58
N GLY A 370 10.14 -9.44 6.78
CA GLY A 370 11.29 -8.58 6.90
C GLY A 370 11.10 -7.25 6.19
N SER A 371 9.89 -6.71 6.27
CA SER A 371 9.57 -5.43 5.64
C SER A 371 10.40 -4.33 6.29
N ASN A 372 10.91 -3.41 5.48
CA ASN A 372 11.74 -2.34 6.02
C ASN A 372 11.72 -1.14 5.12
N GLY A 373 12.12 0.01 5.67
CA GLY A 373 12.17 1.23 4.91
C GLY A 373 13.42 1.98 5.32
N ILE A 374 13.91 2.85 4.44
CA ILE A 374 15.08 3.66 4.74
C ILE A 374 14.93 5.01 4.02
N SER A 375 15.25 6.09 4.72
CA SER A 375 15.12 7.42 4.15
C SER A 375 16.43 8.17 4.41
N ILE A 376 17.19 8.41 3.34
CA ILE A 376 18.47 9.09 3.43
C ILE A 376 18.58 10.26 2.43
N TYR A 377 18.75 11.48 2.95
CA TYR A 377 18.87 12.66 2.09
C TYR A 377 17.86 12.71 0.95
N GLY A 378 16.57 12.63 1.23
CA GLY A 378 15.61 12.70 0.14
C GLY A 378 15.38 11.45 -0.69
N LEU A 379 16.18 10.40 -0.51
CA LEU A 379 15.97 9.15 -1.24
C LEU A 379 15.23 8.20 -0.31
N HIS A 380 14.03 7.80 -0.73
CA HIS A 380 13.20 6.92 0.07
C HIS A 380 13.07 5.54 -0.55
N MET A 381 13.45 4.52 0.22
CA MET A 381 13.36 3.15 -0.27
C MET A 381 12.66 2.22 0.71
N VAL A 382 12.04 1.17 0.18
CA VAL A 382 11.36 0.15 0.97
C VAL A 382 11.59 -1.18 0.30
N SER A 383 11.53 -2.25 1.08
CA SER A 383 11.70 -3.59 0.55
C SER A 383 11.05 -4.56 1.51
N THR A 384 10.75 -5.75 1.00
CA THR A 384 10.12 -6.78 1.81
C THR A 384 10.48 -8.10 1.14
N GLY A 385 10.60 -9.17 1.92
CA GLY A 385 10.94 -10.46 1.34
C GLY A 385 12.39 -10.53 0.89
N LEU A 386 12.63 -11.34 -0.14
CA LEU A 386 13.98 -11.57 -0.67
C LEU A 386 14.39 -10.76 -1.90
N THR A 387 15.64 -10.27 -1.88
CA THR A 387 16.16 -9.56 -3.04
C THR A 387 16.47 -10.69 -4.03
N LEU A 388 16.70 -10.36 -5.30
CA LEU A 388 16.99 -11.38 -6.29
C LEU A 388 18.26 -12.14 -5.90
N GLU A 389 19.26 -11.39 -5.48
CA GLU A 389 20.54 -11.99 -5.10
C GLU A 389 20.42 -12.96 -3.94
N LYS A 390 19.70 -12.57 -2.90
CA LYS A 390 19.56 -13.46 -1.75
C LYS A 390 18.69 -14.67 -2.08
N ALA A 391 17.65 -14.44 -2.87
CA ALA A 391 16.76 -15.53 -3.26
C ALA A 391 17.59 -16.61 -3.96
N LYS A 392 18.42 -16.18 -4.91
CA LYS A 392 19.29 -17.09 -5.66
C LYS A 392 20.34 -17.77 -4.79
N ARG A 393 21.02 -16.98 -3.96
CA ARG A 393 22.03 -17.50 -3.06
C ARG A 393 21.44 -18.56 -2.15
N LEU A 394 20.14 -18.46 -1.88
CA LEU A 394 19.46 -19.42 -1.02
C LEU A 394 18.82 -20.59 -1.77
N GLY A 395 19.12 -20.70 -3.06
CA GLY A 395 18.60 -21.82 -3.83
C GLY A 395 17.22 -21.74 -4.44
N PHE A 396 16.71 -20.53 -4.67
CA PHE A 396 15.41 -20.39 -5.31
C PHE A 396 15.69 -20.06 -6.76
N ASP A 397 14.85 -20.56 -7.67
CA ASP A 397 15.03 -20.26 -9.09
C ASP A 397 14.31 -18.93 -9.32
N ALA A 398 14.85 -17.88 -8.71
CA ALA A 398 14.28 -16.55 -8.76
C ALA A 398 14.52 -15.74 -10.02
N ALA A 399 13.58 -14.84 -10.27
CA ALA A 399 13.63 -13.92 -11.40
C ALA A 399 13.16 -12.59 -10.86
N VAL A 400 13.45 -11.51 -11.55
CA VAL A 400 12.99 -10.22 -11.10
C VAL A 400 12.36 -9.51 -12.28
N THR A 401 11.30 -8.77 -12.01
CA THR A 401 10.65 -7.98 -13.03
C THR A 401 10.68 -6.56 -12.48
N GLU A 402 11.23 -5.64 -13.25
CA GLU A 402 11.31 -4.28 -12.76
C GLU A 402 10.77 -3.27 -13.73
N TYR A 403 10.47 -2.09 -13.20
CA TYR A 403 9.88 -1.05 -14.00
C TYR A 403 10.12 0.29 -13.31
N THR A 404 10.42 1.30 -14.11
CA THR A 404 10.64 2.65 -13.61
C THR A 404 9.73 3.56 -14.44
N ASP A 405 8.85 4.29 -13.75
CA ASP A 405 7.92 5.17 -14.44
C ASP A 405 7.49 6.26 -13.47
N ASN A 406 6.94 7.35 -13.99
CA ASN A 406 6.46 8.43 -13.14
C ASN A 406 5.24 7.94 -12.38
N GLN A 407 5.09 8.42 -11.15
CA GLN A 407 3.98 8.04 -10.30
C GLN A 407 2.64 8.46 -10.90
N LYS A 408 2.61 9.62 -11.54
CA LYS A 408 1.36 10.11 -12.11
C LYS A 408 1.45 10.40 -13.60
N PRO A 409 0.30 10.59 -14.25
CA PRO A 409 0.31 10.86 -15.68
C PRO A 409 1.18 12.08 -15.97
N GLU A 410 1.88 12.04 -17.09
CA GLU A 410 2.77 13.12 -17.49
C GLU A 410 2.10 14.49 -17.56
N PHE A 411 0.78 14.52 -17.71
CA PHE A 411 0.08 15.80 -17.80
C PHE A 411 -0.10 16.49 -16.44
N ILE A 412 0.23 15.78 -15.36
CA ILE A 412 0.13 16.35 -14.03
C ILE A 412 1.24 17.40 -13.90
N GLU A 413 0.85 18.65 -13.63
CA GLU A 413 1.77 19.78 -13.52
C GLU A 413 2.74 19.81 -12.34
N HIS A 414 2.32 19.32 -11.18
CA HIS A 414 3.18 19.33 -10.00
C HIS A 414 3.12 18.05 -9.16
N GLY A 415 4.16 17.81 -8.37
CA GLY A 415 4.20 16.66 -7.49
C GLY A 415 4.36 15.29 -8.13
N ASN A 416 4.92 15.23 -9.33
CA ASN A 416 5.11 13.95 -9.97
C ASN A 416 6.54 13.54 -9.68
N PHE A 417 6.88 12.29 -9.98
CA PHE A 417 8.22 11.80 -9.71
C PHE A 417 8.32 10.36 -10.18
N PRO A 418 9.50 9.94 -10.63
CA PRO A 418 9.66 8.57 -11.09
C PRO A 418 9.78 7.62 -9.91
N VAL A 419 9.33 6.39 -10.11
CA VAL A 419 9.41 5.37 -9.06
C VAL A 419 9.95 4.12 -9.73
N THR A 420 10.87 3.45 -9.04
CA THR A 420 11.44 2.22 -9.56
C THR A 420 10.92 1.09 -8.68
N ILE A 421 10.39 0.06 -9.32
CA ILE A 421 9.88 -1.08 -8.59
C ILE A 421 10.50 -2.35 -9.11
N LYS A 422 10.84 -3.23 -8.18
CA LYS A 422 11.42 -4.52 -8.48
C LYS A 422 10.55 -5.57 -7.79
N ILE A 423 10.03 -6.51 -8.57
CA ILE A 423 9.23 -7.58 -8.01
C ILE A 423 9.98 -8.88 -8.26
N VAL A 424 10.39 -9.54 -7.18
CA VAL A 424 11.13 -10.79 -7.29
C VAL A 424 10.17 -11.95 -7.11
N TYR A 425 10.28 -12.95 -7.98
CA TYR A 425 9.39 -14.09 -7.92
C TYR A 425 10.05 -15.44 -8.27
N ASP A 426 9.45 -16.50 -7.77
CA ASP A 426 9.92 -17.86 -8.02
C ASP A 426 9.44 -18.25 -9.41
N LYS A 427 10.38 -18.37 -10.35
CA LYS A 427 10.03 -18.75 -11.73
C LYS A 427 9.25 -20.06 -11.76
N ASP A 428 9.56 -20.94 -10.82
CA ASP A 428 8.95 -22.26 -10.71
C ASP A 428 7.50 -22.22 -10.22
N SER A 429 7.33 -21.90 -8.94
CA SER A 429 6.00 -21.83 -8.31
C SER A 429 5.25 -20.56 -8.66
N ARG A 430 5.97 -19.56 -9.17
CA ARG A 430 5.38 -18.29 -9.57
C ARG A 430 5.05 -17.34 -8.42
N ARG A 431 5.26 -17.78 -7.18
CA ARG A 431 4.95 -16.94 -6.02
C ARG A 431 5.95 -15.79 -5.83
N ILE A 432 5.43 -14.66 -5.40
CA ILE A 432 6.24 -13.48 -5.16
C ILE A 432 7.17 -13.72 -3.96
N LEU A 433 8.45 -13.43 -4.15
CA LEU A 433 9.43 -13.64 -3.07
C LEU A 433 9.89 -12.34 -2.41
N GLY A 434 9.68 -11.21 -3.09
CA GLY A 434 10.08 -9.94 -2.52
C GLY A 434 9.80 -8.80 -3.46
N ALA A 435 9.93 -7.58 -2.94
CA ALA A 435 9.74 -6.38 -3.73
C ALA A 435 10.58 -5.26 -3.14
N GLN A 436 10.95 -4.31 -3.99
CA GLN A 436 11.74 -3.16 -3.57
C GLN A 436 11.20 -1.97 -4.35
N MET A 437 11.21 -0.81 -3.72
CA MET A 437 10.75 0.41 -4.36
C MET A 437 11.66 1.53 -3.87
N ALA A 438 11.94 2.48 -4.74
CA ALA A 438 12.80 3.60 -4.39
C ALA A 438 12.33 4.82 -5.18
N ALA A 439 12.28 5.97 -4.51
CA ALA A 439 11.83 7.18 -5.17
C ALA A 439 12.20 8.40 -4.35
N ARG A 440 12.09 9.58 -4.96
CA ARG A 440 12.43 10.81 -4.28
C ARG A 440 11.27 11.33 -3.44
N GLU A 441 10.16 10.59 -3.43
CA GLU A 441 9.00 10.95 -2.61
C GLU A 441 8.59 9.66 -1.92
N ASP A 442 7.87 9.80 -0.80
CA ASP A 442 7.42 8.68 0.03
C ASP A 442 6.30 7.80 -0.54
N VAL A 443 6.67 6.63 -1.03
CA VAL A 443 5.68 5.69 -1.57
C VAL A 443 5.70 4.42 -0.72
N SER A 444 6.26 4.55 0.48
CA SER A 444 6.39 3.43 1.42
C SER A 444 5.11 2.65 1.71
N MET A 445 3.96 3.31 1.67
CA MET A 445 2.69 2.62 1.93
C MET A 445 2.50 1.45 0.94
N GLY A 446 3.01 1.61 -0.28
CA GLY A 446 2.88 0.57 -1.28
C GLY A 446 3.58 -0.75 -0.96
N ILE A 447 4.59 -0.73 -0.10
CA ILE A 447 5.28 -1.97 0.21
C ILE A 447 4.41 -2.91 1.06
N HIS A 448 3.41 -2.36 1.73
CA HIS A 448 2.55 -3.18 2.56
C HIS A 448 1.84 -4.26 1.73
N MET A 449 1.39 -3.87 0.54
CA MET A 449 0.71 -4.82 -0.34
C MET A 449 1.60 -6.00 -0.70
N PHE A 450 2.88 -5.75 -0.88
CA PHE A 450 3.80 -6.81 -1.22
C PHE A 450 4.11 -7.68 -0.02
N SER A 451 4.04 -7.08 1.16
CA SER A 451 4.29 -7.84 2.37
C SER A 451 3.16 -8.87 2.47
N LEU A 452 1.93 -8.40 2.29
CA LEU A 452 0.77 -9.27 2.36
C LEU A 452 0.80 -10.29 1.23
N ALA A 453 1.17 -9.83 0.04
CA ALA A 453 1.25 -10.70 -1.15
C ALA A 453 2.13 -11.91 -0.85
N ILE A 454 3.30 -11.67 -0.25
CA ILE A 454 4.23 -12.73 0.08
C ILE A 454 3.69 -13.63 1.19
N GLN A 455 3.09 -13.02 2.19
CA GLN A 455 2.51 -13.76 3.30
C GLN A 455 1.44 -14.73 2.80
N GLU A 456 0.62 -14.26 1.87
CA GLU A 456 -0.48 -15.08 1.33
C GLU A 456 -0.09 -16.04 0.20
N GLY A 457 1.13 -15.94 -0.31
CA GLY A 457 1.53 -16.81 -1.39
C GLY A 457 0.98 -16.40 -2.75
N VAL A 458 0.74 -15.11 -2.95
CA VAL A 458 0.22 -14.63 -4.23
C VAL A 458 1.27 -14.78 -5.32
N THR A 459 0.83 -15.20 -6.51
CA THR A 459 1.73 -15.40 -7.64
C THR A 459 1.91 -14.13 -8.47
N ILE A 460 3.00 -14.05 -9.20
CA ILE A 460 3.28 -12.88 -10.01
C ILE A 460 2.16 -12.72 -11.05
N GLU A 461 1.58 -13.85 -11.48
CA GLU A 461 0.50 -13.80 -12.45
C GLU A 461 -0.76 -13.21 -11.82
N LYS A 462 -1.15 -13.74 -10.66
CA LYS A 462 -2.34 -13.27 -10.00
C LYS A 462 -2.20 -11.79 -9.65
N LEU A 463 -1.00 -11.40 -9.22
CA LEU A 463 -0.76 -10.01 -8.86
C LEU A 463 -1.00 -9.08 -10.03
N ALA A 464 -0.55 -9.48 -11.21
CA ALA A 464 -0.70 -8.64 -12.39
C ALA A 464 -2.12 -8.15 -12.63
N LEU A 465 -3.11 -8.95 -12.25
CA LEU A 465 -4.52 -8.59 -12.45
C LEU A 465 -5.19 -7.99 -11.21
N THR A 466 -4.42 -7.85 -10.14
CA THR A 466 -4.97 -7.29 -8.92
C THR A 466 -5.58 -5.93 -9.18
N ASP A 467 -6.72 -5.70 -8.55
CA ASP A 467 -7.44 -4.43 -8.67
C ASP A 467 -6.67 -3.26 -8.06
N ILE A 468 -5.98 -2.51 -8.91
CA ILE A 468 -5.23 -1.34 -8.48
C ILE A 468 -6.02 -0.17 -9.05
N PHE A 469 -6.64 0.62 -8.17
CA PHE A 469 -7.45 1.74 -8.61
C PHE A 469 -6.71 2.74 -9.49
N PHE A 470 -7.48 3.62 -10.12
CA PHE A 470 -6.90 4.66 -10.96
C PHE A 470 -7.56 6.02 -10.73
N LEU A 471 -6.72 7.01 -10.42
CA LEU A 471 -7.12 8.39 -10.23
C LEU A 471 -5.86 9.14 -10.64
N PRO A 472 -5.94 9.99 -11.68
CA PRO A 472 -4.78 10.75 -12.16
C PRO A 472 -4.03 11.56 -11.09
N HIS A 473 -4.72 11.99 -10.05
CA HIS A 473 -4.08 12.75 -8.97
C HIS A 473 -3.14 11.85 -8.18
N PHE A 474 -3.37 10.55 -8.23
CA PHE A 474 -2.56 9.59 -7.45
C PHE A 474 -1.64 8.65 -8.23
N ASN A 475 -2.12 8.15 -9.37
CA ASN A 475 -1.34 7.21 -10.16
C ASN A 475 -1.75 7.20 -11.62
N LYS A 476 -1.16 6.26 -12.37
CA LYS A 476 -1.45 6.08 -13.78
C LYS A 476 -2.42 4.92 -13.97
N PRO A 477 -3.14 4.89 -15.09
CA PRO A 477 -4.07 3.80 -15.34
C PRO A 477 -3.24 2.52 -15.38
N TYR A 478 -2.12 2.58 -16.11
CA TYR A 478 -1.18 1.47 -16.21
C TYR A 478 0.00 1.83 -15.31
N ASN A 479 -0.25 1.77 -14.00
CA ASN A 479 0.72 2.07 -12.94
C ASN A 479 1.90 1.12 -12.99
N TYR A 480 3.00 1.49 -12.33
CA TYR A 480 4.20 0.66 -12.36
C TYR A 480 4.10 -0.73 -11.72
N ILE A 481 3.11 -0.92 -10.84
CA ILE A 481 2.93 -2.23 -10.21
C ILE A 481 2.36 -3.19 -11.25
N THR A 482 1.26 -2.80 -11.85
CA THR A 482 0.63 -3.61 -12.88
C THR A 482 1.60 -3.87 -14.04
N MET A 483 2.29 -2.81 -14.47
CA MET A 483 3.25 -2.93 -15.56
C MET A 483 4.39 -3.87 -15.22
N ALA A 484 4.92 -3.78 -14.01
CA ALA A 484 6.02 -4.66 -13.62
C ALA A 484 5.54 -6.11 -13.60
N ALA A 485 4.35 -6.33 -13.05
CA ALA A 485 3.79 -7.69 -12.97
C ALA A 485 3.49 -8.29 -14.34
N LEU A 486 2.93 -7.46 -15.23
CA LEU A 486 2.61 -7.92 -16.59
C LEU A 486 3.88 -8.15 -17.39
N GLY A 487 4.91 -7.39 -17.05
CA GLY A 487 6.19 -7.49 -17.73
C GLY A 487 7.04 -8.67 -17.28
N ALA A 488 6.55 -9.43 -16.30
CA ALA A 488 7.29 -10.58 -15.82
C ALA A 488 7.58 -11.51 -16.99
N LYS A 489 8.80 -12.03 -17.05
CA LYS A 489 9.19 -12.94 -18.13
C LYS A 489 9.28 -14.35 -17.56
N ASP A 490 10.53 -14.76 -17.35
CA ASP A 490 10.89 -16.06 -16.81
C ASP A 490 9.74 -16.85 -16.20
N GLY B 18 3.39 7.91 -22.71
CA GLY B 18 2.16 7.06 -22.80
C GLY B 18 2.21 5.83 -21.91
N GLN B 19 1.58 4.74 -22.36
CA GLN B 19 1.56 3.50 -21.58
C GLN B 19 1.39 2.21 -22.39
N GLN B 20 2.40 1.92 -23.20
CA GLN B 20 2.42 0.73 -24.04
C GLN B 20 3.50 -0.22 -23.51
N MET B 21 3.47 -1.48 -23.94
CA MET B 21 4.46 -2.46 -23.52
C MET B 21 4.51 -3.63 -24.50
N GLY B 22 5.46 -4.55 -24.27
CA GLY B 22 5.59 -5.73 -25.10
C GLY B 22 4.58 -6.79 -24.64
N ARG B 23 5.00 -8.05 -24.62
CA ARG B 23 4.09 -9.12 -24.20
C ARG B 23 3.89 -9.28 -22.70
N THR B 24 2.71 -9.77 -22.31
CA THR B 24 2.36 -10.00 -20.91
C THR B 24 2.92 -11.35 -20.49
N LEU B 25 3.02 -11.59 -19.19
CA LEU B 25 3.56 -12.86 -18.67
C LEU B 25 2.67 -14.07 -18.96
N TYR B 26 1.48 -13.83 -19.50
CA TYR B 26 0.54 -14.91 -19.81
C TYR B 26 0.78 -15.49 -21.20
N ASP B 27 1.39 -14.67 -22.06
CA ASP B 27 1.70 -15.07 -23.43
C ASP B 27 2.14 -16.54 -23.49
N ASP B 28 1.21 -17.40 -23.89
CA ASP B 28 1.45 -18.83 -23.98
C ASP B 28 1.81 -19.25 -25.41
N ASP B 29 2.84 -20.10 -25.53
CA ASP B 29 3.28 -20.59 -26.84
C ASP B 29 2.22 -21.46 -27.49
N ASP B 30 1.70 -21.00 -28.62
CA ASP B 30 0.66 -21.72 -29.35
C ASP B 30 1.09 -23.13 -29.74
N LYS B 31 0.98 -24.06 -28.79
CA LYS B 31 1.35 -25.45 -29.05
C LYS B 31 0.69 -25.88 -30.35
N ASP B 32 -0.62 -26.08 -30.32
CA ASP B 32 -1.38 -26.48 -31.51
C ASP B 32 -2.77 -25.87 -31.42
N ARG B 33 -2.82 -24.56 -31.23
CA ARG B 33 -4.08 -23.84 -31.10
C ARG B 33 -4.65 -23.34 -32.42
N TRP B 34 -5.71 -22.55 -32.32
CA TRP B 34 -6.35 -22.03 -33.51
C TRP B 34 -6.22 -20.52 -33.63
N GLY B 35 -6.06 -20.05 -34.86
CA GLY B 35 -5.97 -18.61 -35.07
C GLY B 35 -7.40 -18.22 -35.40
N SER B 36 -7.89 -17.09 -34.91
CA SER B 36 -9.26 -16.71 -35.23
C SER B 36 -9.43 -15.35 -35.87
N LYS B 37 -10.59 -15.17 -36.51
CA LYS B 37 -10.95 -13.89 -37.11
C LYS B 37 -11.70 -13.30 -35.91
N ILE B 38 -11.14 -12.24 -35.34
CA ILE B 38 -11.74 -11.63 -34.17
C ILE B 38 -12.20 -10.20 -34.40
N VAL B 39 -13.49 -9.96 -34.17
CA VAL B 39 -14.08 -8.64 -34.34
C VAL B 39 -14.37 -7.99 -32.98
N VAL B 40 -13.87 -6.78 -32.79
CA VAL B 40 -14.06 -6.04 -31.55
C VAL B 40 -15.00 -4.86 -31.79
N VAL B 41 -16.05 -4.76 -30.98
CA VAL B 41 -16.99 -3.65 -31.11
C VAL B 41 -16.72 -2.65 -29.98
N GLY B 42 -16.04 -1.56 -30.33
CA GLY B 42 -15.68 -0.54 -29.36
C GLY B 42 -14.17 -0.58 -29.13
N ALA B 43 -13.51 0.57 -29.24
CA ALA B 43 -12.07 0.63 -29.06
C ALA B 43 -11.59 1.66 -28.03
N ASN B 44 -12.37 1.86 -26.96
CA ASN B 44 -11.95 2.81 -25.94
C ASN B 44 -11.10 2.06 -24.90
N HIS B 45 -11.15 2.48 -23.65
CA HIS B 45 -10.32 1.85 -22.62
C HIS B 45 -10.32 0.32 -22.63
N ALA B 46 -11.49 -0.29 -22.52
CA ALA B 46 -11.60 -1.75 -22.53
C ALA B 46 -11.20 -2.33 -23.88
N GLY B 47 -11.75 -1.75 -24.95
CA GLY B 47 -11.44 -2.23 -26.29
C GLY B 47 -9.97 -2.16 -26.65
N THR B 48 -9.38 -0.98 -26.46
CA THR B 48 -7.97 -0.79 -26.78
C THR B 48 -7.08 -1.72 -25.95
N ALA B 49 -7.42 -1.91 -24.69
CA ALA B 49 -6.61 -2.80 -23.86
C ALA B 49 -6.72 -4.23 -24.39
N CYS B 50 -7.92 -4.61 -24.83
CA CYS B 50 -8.14 -5.94 -25.36
C CYS B 50 -7.45 -6.12 -26.71
N ILE B 51 -7.66 -5.16 -27.61
CA ILE B 51 -7.05 -5.21 -28.94
C ILE B 51 -5.52 -5.28 -28.88
N LYS B 52 -4.90 -4.40 -28.11
CA LYS B 52 -3.45 -4.38 -28.01
C LYS B 52 -2.90 -5.64 -27.37
N THR B 53 -3.61 -6.22 -26.41
CA THR B 53 -3.13 -7.45 -25.77
C THR B 53 -3.14 -8.60 -26.79
N MET B 54 -4.20 -8.67 -27.60
CA MET B 54 -4.31 -9.71 -28.62
C MET B 54 -3.21 -9.61 -29.67
N LEU B 55 -3.06 -8.41 -30.23
CA LEU B 55 -2.07 -8.13 -31.26
C LEU B 55 -0.63 -8.21 -30.76
N THR B 56 -0.38 -7.73 -29.54
CA THR B 56 0.97 -7.75 -28.99
C THR B 56 1.43 -9.15 -28.56
N ASN B 57 0.50 -9.98 -28.12
CA ASN B 57 0.85 -11.34 -27.67
C ASN B 57 0.65 -12.46 -28.69
N TYR B 58 -0.36 -12.33 -29.56
CA TYR B 58 -0.63 -13.37 -30.56
C TYR B 58 -0.56 -12.85 -32.00
N GLY B 59 -0.01 -11.65 -32.12
CA GLY B 59 0.14 -11.00 -33.41
C GLY B 59 -0.54 -11.55 -34.65
N ASP B 60 0.25 -12.19 -35.49
CA ASP B 60 -0.21 -12.72 -36.77
C ASP B 60 -1.12 -13.95 -36.76
N ALA B 61 -1.20 -14.67 -35.66
CA ALA B 61 -2.04 -15.85 -35.57
C ALA B 61 -3.55 -15.55 -35.68
N ASN B 62 -3.92 -14.29 -35.46
CA ASN B 62 -5.33 -13.90 -35.52
C ASN B 62 -5.54 -12.65 -36.40
N GLU B 63 -6.75 -12.51 -36.95
CA GLU B 63 -7.08 -11.36 -37.79
C GLU B 63 -8.06 -10.51 -36.98
N ILE B 64 -7.66 -9.28 -36.68
CA ILE B 64 -8.46 -8.37 -35.87
C ILE B 64 -9.09 -7.19 -36.62
N VAL B 65 -10.41 -7.10 -36.55
CA VAL B 65 -11.14 -6.00 -37.18
C VAL B 65 -11.86 -5.25 -36.06
N VAL B 66 -11.69 -3.94 -36.02
CA VAL B 66 -12.28 -3.11 -34.99
C VAL B 66 -13.28 -2.08 -35.49
N PHE B 67 -14.38 -1.94 -34.74
CA PHE B 67 -15.43 -0.97 -35.07
C PHE B 67 -15.72 -0.06 -33.88
N ASP B 68 -15.73 1.25 -34.12
CA ASP B 68 -16.06 2.21 -33.09
C ASP B 68 -16.82 3.35 -33.75
N GLN B 69 -18.00 3.66 -33.21
CA GLN B 69 -18.85 4.71 -33.77
C GLN B 69 -18.34 6.12 -33.52
N ASN B 70 -17.41 6.29 -32.60
CA ASN B 70 -16.89 7.61 -32.28
C ASN B 70 -15.72 7.99 -33.20
N SER B 71 -15.21 9.22 -33.04
CA SER B 71 -14.10 9.70 -33.85
C SER B 71 -12.76 9.79 -33.11
N ASN B 72 -12.71 9.28 -31.88
CA ASN B 72 -11.50 9.29 -31.07
C ASN B 72 -11.63 8.23 -29.97
N ILE B 73 -10.49 7.73 -29.49
CA ILE B 73 -10.46 6.70 -28.45
C ILE B 73 -9.36 6.90 -27.41
N SER B 74 -9.56 6.31 -26.23
CA SER B 74 -8.64 6.36 -25.10
C SER B 74 -8.66 7.65 -24.30
N PHE B 75 -9.68 8.48 -24.51
CA PHE B 75 -9.79 9.73 -23.77
C PHE B 75 -10.07 9.43 -22.29
N LEU B 76 -9.19 9.91 -21.41
CA LEU B 76 -9.34 9.69 -19.98
C LEU B 76 -10.38 10.62 -19.40
N GLY B 77 -11.54 10.06 -19.06
CA GLY B 77 -12.62 10.84 -18.48
C GLY B 77 -12.23 11.64 -17.25
N SER B 78 -11.34 11.11 -16.44
CA SER B 78 -10.89 11.81 -15.25
C SER B 78 -10.28 13.18 -15.55
N GLY B 79 -9.82 13.37 -16.78
CA GLY B 79 -9.21 14.64 -17.16
C GLY B 79 -10.20 15.75 -17.39
N MET B 80 -11.47 15.39 -17.57
CA MET B 80 -12.52 16.37 -17.79
C MET B 80 -12.54 17.40 -16.65
N ALA B 81 -12.55 16.90 -15.41
CA ALA B 81 -12.57 17.79 -14.25
C ALA B 81 -11.26 18.57 -14.18
N LEU B 82 -10.15 17.89 -14.50
CA LEU B 82 -8.83 18.52 -14.48
C LEU B 82 -8.77 19.65 -15.49
N TRP B 83 -9.30 19.39 -16.67
CA TRP B 83 -9.33 20.36 -17.76
C TRP B 83 -10.16 21.60 -17.38
N ILE B 84 -11.45 21.39 -17.07
CA ILE B 84 -12.33 22.49 -16.70
C ILE B 84 -11.79 23.27 -15.49
N GLY B 85 -11.45 22.55 -14.43
CA GLY B 85 -10.92 23.21 -13.24
C GLY B 85 -9.53 23.79 -13.46
N GLU B 86 -9.01 23.67 -14.67
CA GLU B 86 -7.69 24.21 -15.01
C GLU B 86 -6.53 23.73 -14.15
N GLN B 87 -6.41 22.41 -13.97
CA GLN B 87 -5.30 21.87 -13.18
C GLN B 87 -4.23 21.39 -14.17
N ILE B 88 -4.65 21.20 -15.42
CA ILE B 88 -3.75 20.77 -16.50
C ILE B 88 -3.89 21.75 -17.66
N ALA B 89 -2.89 21.77 -18.54
CA ALA B 89 -2.88 22.67 -19.70
C ALA B 89 -4.08 22.50 -20.65
N GLY B 90 -4.27 21.29 -21.16
CA GLY B 90 -5.38 21.02 -22.06
C GLY B 90 -5.68 19.54 -22.07
N PRO B 91 -6.21 19.01 -23.18
CA PRO B 91 -6.54 17.59 -23.30
C PRO B 91 -5.51 16.70 -23.99
N GLU B 92 -4.42 17.30 -24.48
CA GLU B 92 -3.42 16.52 -25.21
C GLU B 92 -2.98 15.21 -24.57
N GLY B 93 -2.49 15.27 -23.34
CA GLY B 93 -2.04 14.06 -22.68
C GLY B 93 -3.18 13.20 -22.18
N LEU B 94 -4.42 13.57 -22.51
CA LEU B 94 -5.58 12.81 -22.07
C LEU B 94 -5.91 11.61 -22.97
N PHE B 95 -5.14 11.44 -24.05
CA PHE B 95 -5.30 10.32 -24.96
C PHE B 95 -3.99 9.55 -24.89
N TYR B 96 -4.04 8.23 -24.89
CA TYR B 96 -2.82 7.42 -24.83
C TYR B 96 -2.70 6.42 -25.98
N SER B 97 -3.67 6.48 -26.90
CA SER B 97 -3.66 5.61 -28.06
C SER B 97 -4.57 6.22 -29.14
N ASP B 98 -4.54 5.65 -30.33
CA ASP B 98 -5.37 6.14 -31.42
C ASP B 98 -5.48 5.14 -32.56
N LYS B 99 -6.31 5.47 -33.54
CA LYS B 99 -6.54 4.62 -34.71
C LYS B 99 -5.25 4.12 -35.35
N GLU B 100 -4.33 5.05 -35.64
CA GLU B 100 -3.06 4.72 -36.28
C GLU B 100 -2.20 3.74 -35.48
N GLU B 101 -2.20 3.89 -34.15
CA GLU B 101 -1.42 3.00 -33.31
C GLU B 101 -1.96 1.57 -33.34
N LEU B 102 -3.29 1.45 -33.31
CA LEU B 102 -3.91 0.14 -33.34
C LEU B 102 -3.71 -0.52 -34.71
N GLU B 103 -3.87 0.24 -35.77
CA GLU B 103 -3.68 -0.32 -37.11
C GLU B 103 -2.22 -0.72 -37.31
N SER B 104 -1.29 0.13 -36.89
CA SER B 104 0.12 -0.19 -37.05
C SER B 104 0.45 -1.45 -36.23
N LEU B 105 -0.38 -1.77 -35.24
CA LEU B 105 -0.16 -2.96 -34.44
C LEU B 105 -0.65 -4.17 -35.23
N GLY B 106 -1.49 -3.93 -36.24
CA GLY B 106 -1.98 -5.01 -37.07
C GLY B 106 -3.48 -5.15 -37.24
N ALA B 107 -4.26 -4.28 -36.63
CA ALA B 107 -5.71 -4.38 -36.73
C ALA B 107 -6.29 -3.49 -37.83
N LYS B 108 -7.43 -3.90 -38.37
CA LYS B 108 -8.12 -3.09 -39.38
C LYS B 108 -9.10 -2.29 -38.53
N VAL B 109 -9.02 -0.95 -38.62
CA VAL B 109 -9.87 -0.12 -37.80
C VAL B 109 -10.82 0.80 -38.52
N TYR B 110 -12.11 0.65 -38.24
CA TYR B 110 -13.14 1.48 -38.83
C TYR B 110 -13.65 2.44 -37.77
N MET B 111 -13.23 3.70 -37.86
CA MET B 111 -13.67 4.72 -36.91
C MET B 111 -14.99 5.32 -37.43
N GLU B 112 -15.79 5.88 -36.52
CA GLU B 112 -17.06 6.46 -36.92
C GLU B 112 -17.96 5.46 -37.66
N SER B 113 -17.83 4.18 -37.29
CA SER B 113 -18.63 3.13 -37.91
C SER B 113 -19.41 2.36 -36.85
N PRO B 114 -20.64 2.81 -36.56
CA PRO B 114 -21.48 2.14 -35.56
C PRO B 114 -22.03 0.80 -36.02
N VAL B 115 -21.81 -0.24 -35.20
CA VAL B 115 -22.34 -1.56 -35.51
C VAL B 115 -23.81 -1.46 -35.13
N GLN B 116 -24.68 -1.67 -36.10
CA GLN B 116 -26.11 -1.55 -35.87
C GLN B 116 -26.83 -2.86 -35.62
N SER B 117 -26.22 -3.98 -36.01
CA SER B 117 -26.83 -5.28 -35.78
C SER B 117 -25.83 -6.43 -35.81
N ILE B 118 -26.21 -7.55 -35.20
CA ILE B 118 -25.38 -8.75 -35.13
C ILE B 118 -26.20 -9.97 -35.53
N ASP B 119 -25.62 -10.85 -36.32
CA ASP B 119 -26.29 -12.08 -36.72
C ASP B 119 -25.48 -13.16 -36.01
N TYR B 120 -25.99 -13.64 -34.89
CA TYR B 120 -25.25 -14.65 -34.15
C TYR B 120 -25.18 -15.99 -34.85
N ASP B 121 -26.08 -16.22 -35.80
CA ASP B 121 -26.12 -17.48 -36.55
C ASP B 121 -25.11 -17.50 -37.69
N ALA B 122 -25.14 -16.46 -38.52
CA ALA B 122 -24.22 -16.34 -39.64
C ALA B 122 -22.90 -15.79 -39.10
N LYS B 123 -22.90 -15.41 -37.83
CA LYS B 123 -21.73 -14.88 -37.14
C LYS B 123 -21.17 -13.70 -37.91
N THR B 124 -22.02 -12.71 -38.10
CA THR B 124 -21.65 -11.50 -38.80
C THR B 124 -22.16 -10.28 -38.06
N VAL B 125 -21.45 -9.17 -38.22
CA VAL B 125 -21.87 -7.92 -37.59
C VAL B 125 -22.12 -6.99 -38.76
N THR B 126 -23.04 -6.07 -38.59
CA THR B 126 -23.34 -5.14 -39.65
C THR B 126 -23.12 -3.73 -39.16
N ALA B 127 -22.11 -3.08 -39.72
CA ALA B 127 -21.75 -1.72 -39.33
C ALA B 127 -22.07 -0.72 -40.43
N LEU B 128 -22.19 0.55 -40.03
CA LEU B 128 -22.47 1.62 -40.96
C LEU B 128 -21.14 2.30 -41.28
N VAL B 129 -20.52 1.87 -42.36
CA VAL B 129 -19.22 2.39 -42.80
C VAL B 129 -19.40 3.35 -43.98
N ASP B 130 -19.23 4.64 -43.73
CA ASP B 130 -19.38 5.65 -44.78
C ASP B 130 -20.80 5.64 -45.34
N GLY B 131 -21.79 5.72 -44.46
CA GLY B 131 -23.17 5.74 -44.90
C GLY B 131 -23.72 4.45 -45.49
N LYS B 132 -22.87 3.45 -45.70
CA LYS B 132 -23.32 2.18 -46.26
C LYS B 132 -23.11 1.04 -45.29
N ASN B 133 -23.92 -0.01 -45.41
CA ASN B 133 -23.76 -1.15 -44.53
C ASN B 133 -22.52 -1.97 -44.88
N HIS B 134 -21.86 -2.48 -43.85
CA HIS B 134 -20.66 -3.29 -44.00
C HIS B 134 -20.83 -4.55 -43.17
N VAL B 135 -20.78 -5.70 -43.82
CA VAL B 135 -20.92 -6.96 -43.10
C VAL B 135 -19.54 -7.57 -42.90
N GLU B 136 -19.21 -7.84 -41.65
CA GLU B 136 -17.94 -8.43 -41.30
C GLU B 136 -18.22 -9.75 -40.61
N THR B 137 -17.60 -10.82 -41.09
CA THR B 137 -17.82 -12.12 -40.48
C THR B 137 -16.77 -12.31 -39.38
N TYR B 138 -17.06 -13.16 -38.41
CA TYR B 138 -16.11 -13.37 -37.32
C TYR B 138 -16.13 -14.81 -36.79
N ASP B 139 -15.07 -15.17 -36.08
CA ASP B 139 -14.97 -16.48 -35.46
C ASP B 139 -15.28 -16.22 -33.99
N LYS B 140 -14.85 -15.06 -33.53
CA LYS B 140 -15.07 -14.62 -32.15
C LYS B 140 -15.47 -13.15 -32.11
N LEU B 141 -16.44 -12.84 -31.27
CA LEU B 141 -16.95 -11.48 -31.12
C LEU B 141 -16.68 -10.98 -29.71
N ILE B 142 -16.15 -9.76 -29.61
CA ILE B 142 -15.86 -9.16 -28.32
C ILE B 142 -16.52 -7.79 -28.20
N PHE B 143 -17.54 -7.71 -27.34
CA PHE B 143 -18.24 -6.46 -27.13
C PHE B 143 -17.45 -5.59 -26.14
N ALA B 144 -17.22 -4.32 -26.52
CA ALA B 144 -16.53 -3.34 -25.68
C ALA B 144 -17.26 -2.03 -25.95
N THR B 145 -18.59 -2.14 -26.03
CA THR B 145 -19.46 -1.01 -26.31
C THR B 145 -19.69 -0.08 -25.13
N GLY B 146 -19.09 -0.43 -23.99
CA GLY B 146 -19.19 0.40 -22.80
C GLY B 146 -20.57 0.76 -22.27
N SER B 147 -20.70 2.02 -21.87
CA SER B 147 -21.94 2.54 -21.32
C SER B 147 -22.28 3.92 -21.86
N GLN B 148 -23.45 4.40 -21.44
CA GLN B 148 -23.94 5.71 -21.83
C GLN B 148 -24.50 6.34 -20.58
N PRO B 149 -24.53 7.68 -20.53
CA PRO B 149 -25.05 8.38 -19.34
C PRO B 149 -26.49 8.04 -19.00
N ILE B 150 -26.80 7.97 -17.71
CA ILE B 150 -28.15 7.70 -17.24
C ILE B 150 -28.93 9.01 -17.34
N LEU B 151 -30.16 8.95 -17.86
CA LEU B 151 -31.00 10.13 -17.99
C LEU B 151 -32.40 9.87 -17.45
N PRO B 152 -32.59 10.04 -16.13
CA PRO B 152 -33.91 9.80 -15.54
C PRO B 152 -34.91 10.73 -16.21
N PRO B 153 -36.21 10.50 -15.97
CA PRO B 153 -37.22 11.35 -16.58
C PRO B 153 -37.22 12.75 -15.96
N ILE B 154 -36.67 13.70 -16.71
CA ILE B 154 -36.58 15.09 -16.26
C ILE B 154 -37.12 15.98 -17.38
N LYS B 155 -38.14 16.79 -17.09
CA LYS B 155 -38.70 17.66 -18.11
C LYS B 155 -37.67 18.60 -18.70
N GLY B 156 -37.65 18.69 -20.03
CA GLY B 156 -36.72 19.57 -20.70
C GLY B 156 -35.35 18.96 -20.92
N ALA B 157 -35.19 17.72 -20.46
CA ALA B 157 -33.91 17.02 -20.59
C ALA B 157 -34.03 15.93 -21.65
N GLU B 158 -33.51 16.22 -22.84
CA GLU B 158 -33.55 15.29 -23.97
C GLU B 158 -32.31 15.35 -24.84
N ILE B 159 -31.81 14.18 -25.24
CA ILE B 159 -30.64 14.11 -26.11
C ILE B 159 -31.16 14.18 -27.53
N LYS B 160 -30.47 14.96 -28.38
CA LYS B 160 -30.89 15.10 -29.76
C LYS B 160 -31.03 13.75 -30.46
N GLU B 161 -32.15 13.59 -31.16
CA GLU B 161 -32.47 12.37 -31.88
C GLU B 161 -31.31 11.95 -32.80
N GLY B 162 -30.93 10.68 -32.69
CA GLY B 162 -29.86 10.16 -33.52
C GLY B 162 -28.46 10.62 -33.14
N SER B 163 -28.36 11.40 -32.07
CA SER B 163 -27.05 11.88 -31.61
C SER B 163 -26.28 10.76 -30.93
N LEU B 164 -25.04 10.55 -31.37
CA LEU B 164 -24.20 9.52 -30.79
C LEU B 164 -23.17 10.24 -29.93
N GLU B 165 -23.38 11.52 -29.71
CA GLU B 165 -22.45 12.31 -28.90
C GLU B 165 -23.06 12.89 -27.63
N PHE B 166 -24.24 12.40 -27.25
CA PHE B 166 -24.90 12.85 -26.04
C PHE B 166 -25.06 14.36 -26.01
N GLU B 167 -25.60 14.93 -27.08
CA GLU B 167 -25.82 16.36 -27.18
C GLU B 167 -27.26 16.64 -26.75
N ALA B 168 -27.42 17.46 -25.72
CA ALA B 168 -28.75 17.79 -25.24
C ALA B 168 -29.45 18.78 -26.18
N THR B 169 -30.75 18.60 -26.34
CA THR B 169 -31.53 19.47 -27.21
C THR B 169 -31.57 20.89 -26.65
N LEU B 170 -31.46 21.02 -25.33
CA LEU B 170 -31.48 22.33 -24.67
C LEU B 170 -30.09 22.94 -24.53
N GLU B 171 -29.95 24.18 -25.00
CA GLU B 171 -28.67 24.89 -24.94
C GLU B 171 -28.15 25.01 -23.51
N ASN B 172 -26.90 24.58 -23.30
CA ASN B 172 -26.23 24.63 -22.00
C ASN B 172 -26.60 23.52 -21.02
N LEU B 173 -27.26 22.49 -21.51
CA LEU B 173 -27.58 21.32 -20.70
C LEU B 173 -26.48 20.37 -21.19
N GLN B 174 -25.54 20.06 -20.31
CA GLN B 174 -24.41 19.23 -20.68
C GLN B 174 -24.35 17.83 -20.09
N PHE B 175 -23.73 16.93 -20.84
CA PHE B 175 -23.53 15.54 -20.42
C PHE B 175 -22.04 15.35 -20.23
N VAL B 176 -21.70 14.37 -19.40
CA VAL B 176 -20.32 14.08 -19.07
C VAL B 176 -19.95 12.68 -19.56
N LYS B 177 -19.49 12.57 -20.79
CA LYS B 177 -19.14 11.24 -21.28
C LYS B 177 -17.95 11.22 -22.24
N LEU B 178 -18.04 12.00 -23.31
CA LEU B 178 -16.99 12.03 -24.32
C LEU B 178 -16.06 13.23 -24.28
N TYR B 179 -14.97 13.12 -25.04
CA TYR B 179 -14.00 14.20 -25.16
C TYR B 179 -14.77 15.41 -25.67
N GLN B 180 -15.63 15.18 -26.66
CA GLN B 180 -16.43 16.24 -27.26
C GLN B 180 -17.31 16.93 -26.23
N ASN B 181 -17.82 16.17 -25.28
CA ASN B 181 -18.67 16.71 -24.22
C ASN B 181 -17.83 17.67 -23.39
N SER B 182 -16.61 17.25 -23.11
CA SER B 182 -15.69 18.06 -22.34
C SER B 182 -15.27 19.31 -23.12
N ALA B 183 -14.94 19.11 -24.40
CA ALA B 183 -14.53 20.22 -25.26
C ALA B 183 -15.68 21.20 -25.41
N ASP B 184 -16.89 20.67 -25.44
CA ASP B 184 -18.10 21.49 -25.56
C ASP B 184 -18.17 22.43 -24.35
N VAL B 185 -18.28 21.85 -23.16
CA VAL B 185 -18.37 22.63 -21.93
C VAL B 185 -17.32 23.74 -21.90
N ILE B 186 -16.09 23.40 -22.27
CA ILE B 186 -14.99 24.36 -22.29
C ILE B 186 -15.29 25.55 -23.19
N ALA B 187 -15.80 25.25 -24.39
CA ALA B 187 -16.14 26.30 -25.35
C ALA B 187 -17.28 27.17 -24.80
N LYS B 188 -18.30 26.52 -24.25
CA LYS B 188 -19.44 27.24 -23.69
C LYS B 188 -19.05 28.13 -22.52
N LEU B 189 -17.94 27.80 -21.87
CA LEU B 189 -17.45 28.57 -20.73
C LEU B 189 -16.76 29.86 -21.18
N GLU B 190 -16.61 30.00 -22.49
CA GLU B 190 -16.01 31.20 -23.05
C GLU B 190 -17.11 32.26 -23.07
N ASN B 191 -18.32 31.83 -22.75
CA ASN B 191 -19.47 32.71 -22.74
C ASN B 191 -19.59 33.43 -21.41
N LYS B 192 -19.11 34.67 -21.38
CA LYS B 192 -19.15 35.49 -20.17
C LYS B 192 -20.45 35.37 -19.38
N ASP B 193 -21.53 35.01 -20.07
CA ASP B 193 -22.83 34.87 -19.44
C ASP B 193 -22.97 33.72 -18.45
N ILE B 194 -22.16 32.67 -18.59
CA ILE B 194 -22.25 31.53 -17.67
C ILE B 194 -21.74 31.94 -16.29
N LYS B 195 -22.66 32.13 -15.35
CA LYS B 195 -22.29 32.53 -14.00
C LYS B 195 -22.53 31.45 -12.95
N ARG B 196 -23.66 30.75 -13.04
CA ARG B 196 -23.97 29.70 -12.08
C ARG B 196 -24.21 28.35 -12.76
N VAL B 197 -23.62 27.31 -12.19
CA VAL B 197 -23.72 25.96 -12.72
C VAL B 197 -24.37 25.00 -11.73
N ALA B 198 -25.26 24.15 -12.24
CA ALA B 198 -25.93 23.15 -11.42
C ALA B 198 -25.39 21.78 -11.81
N VAL B 199 -24.83 21.07 -10.84
CA VAL B 199 -24.31 19.73 -11.10
C VAL B 199 -25.26 18.70 -10.50
N VAL B 200 -25.85 17.88 -11.36
CA VAL B 200 -26.79 16.84 -10.95
C VAL B 200 -26.07 15.49 -10.83
N GLY B 201 -25.96 15.00 -9.60
CA GLY B 201 -25.26 13.75 -9.35
C GLY B 201 -24.08 14.05 -8.43
N ALA B 202 -24.15 13.54 -7.20
CA ALA B 202 -23.11 13.77 -6.20
C ALA B 202 -22.15 12.58 -5.98
N GLY B 203 -21.90 11.83 -7.04
CA GLY B 203 -20.96 10.72 -6.97
C GLY B 203 -19.61 11.35 -7.18
N TYR B 204 -18.56 10.56 -7.42
CA TYR B 204 -17.24 11.16 -7.59
C TYR B 204 -17.16 12.10 -8.78
N ILE B 205 -17.85 11.76 -9.86
CA ILE B 205 -17.83 12.61 -11.06
C ILE B 205 -18.44 13.97 -10.79
N GLY B 206 -19.57 13.97 -10.09
CA GLY B 206 -20.25 15.21 -9.77
C GLY B 206 -19.48 16.05 -8.77
N VAL B 207 -18.83 15.42 -7.82
CA VAL B 207 -18.05 16.15 -6.83
C VAL B 207 -16.82 16.78 -7.49
N GLU B 208 -16.16 16.04 -8.36
CA GLU B 208 -14.98 16.54 -9.06
C GLU B 208 -15.33 17.69 -10.01
N LEU B 209 -16.49 17.59 -10.66
CA LEU B 209 -16.91 18.65 -11.58
C LEU B 209 -17.35 19.87 -10.79
N ALA B 210 -17.93 19.65 -9.61
CA ALA B 210 -18.36 20.76 -8.78
C ALA B 210 -17.13 21.58 -8.39
N GLU B 211 -16.04 20.91 -8.04
CA GLU B 211 -14.82 21.63 -7.70
C GLU B 211 -14.26 22.35 -8.92
N ALA B 212 -14.27 21.67 -10.07
CA ALA B 212 -13.74 22.23 -11.33
C ALA B 212 -14.42 23.53 -11.73
N PHE B 213 -15.75 23.56 -11.67
CA PHE B 213 -16.49 24.76 -12.04
C PHE B 213 -16.28 25.86 -11.03
N GLN B 214 -16.09 25.46 -9.78
CA GLN B 214 -15.87 26.42 -8.69
C GLN B 214 -14.51 27.08 -8.95
N ARG B 215 -13.52 26.25 -9.30
CA ARG B 215 -12.17 26.74 -9.59
C ARG B 215 -12.20 27.73 -10.77
N LYS B 216 -13.08 27.47 -11.74
CA LYS B 216 -13.23 28.34 -12.90
C LYS B 216 -13.96 29.60 -12.48
N GLY B 217 -14.25 29.70 -11.18
CA GLY B 217 -14.93 30.87 -10.65
C GLY B 217 -16.43 30.90 -10.82
N LYS B 218 -17.04 29.74 -11.05
CA LYS B 218 -18.49 29.69 -11.22
C LYS B 218 -19.21 29.43 -9.88
N GLU B 219 -20.49 29.77 -9.84
CA GLU B 219 -21.31 29.52 -8.68
C GLU B 219 -21.86 28.13 -8.89
N VAL B 220 -21.64 27.24 -7.93
CA VAL B 220 -22.10 25.87 -8.07
C VAL B 220 -23.10 25.40 -7.04
N VAL B 221 -24.06 24.62 -7.50
CA VAL B 221 -25.05 24.01 -6.63
C VAL B 221 -25.02 22.54 -7.01
N LEU B 222 -24.66 21.70 -6.04
CA LEU B 222 -24.58 20.26 -6.26
C LEU B 222 -25.86 19.61 -5.76
N ILE B 223 -26.59 18.98 -6.68
CA ILE B 223 -27.87 18.33 -6.38
C ILE B 223 -27.84 16.81 -6.45
N ASP B 224 -28.46 16.14 -5.49
CA ASP B 224 -28.53 14.68 -5.51
C ASP B 224 -29.75 14.20 -4.75
N VAL B 225 -30.34 13.11 -5.25
CA VAL B 225 -31.51 12.49 -4.62
C VAL B 225 -31.15 12.02 -3.19
N VAL B 226 -29.96 11.44 -3.05
CA VAL B 226 -29.52 10.93 -1.75
C VAL B 226 -29.12 12.04 -0.80
N ASP B 227 -29.21 11.75 0.50
CA ASP B 227 -28.89 12.71 1.55
C ASP B 227 -27.42 13.07 1.66
N THR B 228 -26.58 12.45 0.84
CA THR B 228 -25.15 12.75 0.92
C THR B 228 -24.41 12.49 -0.37
N CYS B 229 -23.16 12.93 -0.43
CA CYS B 229 -22.32 12.73 -1.61
C CYS B 229 -21.52 11.44 -1.46
N LEU B 230 -21.01 10.92 -2.58
CA LEU B 230 -20.20 9.71 -2.59
C LEU B 230 -20.77 8.53 -1.80
N ALA B 231 -22.08 8.46 -1.67
CA ALA B 231 -22.74 7.39 -0.91
C ALA B 231 -22.32 5.97 -1.30
N GLY B 232 -21.96 5.77 -2.56
CA GLY B 232 -21.58 4.43 -2.98
C GLY B 232 -20.19 3.96 -2.60
N TYR B 233 -19.29 4.88 -2.29
CA TYR B 233 -17.91 4.51 -1.97
C TYR B 233 -17.39 4.82 -0.57
N TYR B 234 -18.04 5.72 0.16
CA TYR B 234 -17.57 6.07 1.51
C TYR B 234 -18.69 6.13 2.54
N ASP B 235 -18.33 6.01 3.83
CA ASP B 235 -19.34 6.09 4.86
C ASP B 235 -19.63 7.54 5.22
N ARG B 236 -20.76 7.76 5.87
CA ARG B 236 -21.23 9.09 6.23
C ARG B 236 -20.18 10.02 6.84
N ASP B 237 -19.29 9.48 7.66
CA ASP B 237 -18.23 10.28 8.26
C ASP B 237 -17.45 11.03 7.21
N LEU B 238 -16.83 10.26 6.32
CA LEU B 238 -16.01 10.81 5.26
C LEU B 238 -16.76 11.65 4.26
N THR B 239 -17.99 11.23 3.91
CA THR B 239 -18.77 11.99 2.96
C THR B 239 -19.19 13.31 3.58
N ASP B 240 -19.44 13.31 4.88
CA ASP B 240 -19.79 14.54 5.57
C ASP B 240 -18.58 15.46 5.52
N LEU B 241 -17.40 14.86 5.69
CA LEU B 241 -16.15 15.59 5.65
C LEU B 241 -15.97 16.25 4.28
N MET B 242 -16.25 15.48 3.24
CA MET B 242 -16.13 15.98 1.87
C MET B 242 -17.16 17.07 1.61
N ALA B 243 -18.37 16.91 2.16
CA ALA B 243 -19.44 17.90 1.99
C ALA B 243 -18.98 19.26 2.52
N LYS B 244 -18.50 19.25 3.76
CA LYS B 244 -17.99 20.44 4.42
C LYS B 244 -16.80 21.01 3.64
N ASN B 245 -15.99 20.12 3.07
CA ASN B 245 -14.83 20.52 2.30
C ASN B 245 -15.30 21.37 1.11
N MET B 246 -16.40 20.93 0.48
CA MET B 246 -16.94 21.65 -0.67
C MET B 246 -17.57 22.96 -0.24
N GLU B 247 -18.33 22.91 0.84
CA GLU B 247 -18.99 24.11 1.34
C GLU B 247 -17.95 25.15 1.74
N GLU B 248 -16.81 24.66 2.21
CA GLU B 248 -15.72 25.54 2.62
C GLU B 248 -15.19 26.34 1.45
N HIS B 249 -15.52 25.92 0.23
CA HIS B 249 -15.06 26.64 -0.94
C HIS B 249 -16.18 27.30 -1.71
N GLY B 250 -17.33 27.43 -1.05
CA GLY B 250 -18.46 28.09 -1.67
C GLY B 250 -19.45 27.27 -2.49
N ILE B 251 -19.27 25.96 -2.53
CA ILE B 251 -20.19 25.13 -3.29
C ILE B 251 -21.47 24.92 -2.48
N GLN B 252 -22.61 25.19 -3.10
CA GLN B 252 -23.90 25.03 -2.44
C GLN B 252 -24.38 23.60 -2.62
N LEU B 253 -24.75 22.95 -1.53
CA LEU B 253 -25.19 21.56 -1.59
C LEU B 253 -26.70 21.46 -1.49
N ALA B 254 -27.29 20.69 -2.41
CA ALA B 254 -28.74 20.48 -2.43
C ALA B 254 -29.06 18.98 -2.47
N PHE B 255 -28.62 18.26 -1.44
CA PHE B 255 -28.86 16.83 -1.36
C PHE B 255 -30.29 16.57 -0.90
N GLY B 256 -30.75 15.35 -1.10
CA GLY B 256 -32.11 15.01 -0.70
C GLY B 256 -33.12 15.67 -1.61
N GLU B 257 -32.73 15.89 -2.86
CA GLU B 257 -33.61 16.52 -3.85
C GLU B 257 -33.57 15.80 -5.19
N THR B 258 -34.76 15.65 -5.79
CA THR B 258 -34.92 14.98 -7.07
C THR B 258 -35.21 16.00 -8.17
N VAL B 259 -34.30 16.13 -9.12
CA VAL B 259 -34.51 17.09 -10.20
C VAL B 259 -35.74 16.68 -11.01
N LYS B 260 -36.69 17.59 -11.13
CA LYS B 260 -37.94 17.34 -11.86
C LYS B 260 -37.97 17.98 -13.25
N GLU B 261 -37.21 19.04 -13.45
CA GLU B 261 -37.20 19.72 -14.74
C GLU B 261 -36.07 20.73 -14.88
N VAL B 262 -35.64 20.93 -16.11
CA VAL B 262 -34.62 21.91 -16.43
C VAL B 262 -35.36 22.85 -17.38
N ALA B 263 -35.57 24.08 -16.96
CA ALA B 263 -36.31 25.04 -17.76
C ALA B 263 -35.45 26.13 -18.38
N GLY B 264 -36.01 26.78 -19.40
CA GLY B 264 -35.32 27.86 -20.09
C GLY B 264 -35.99 28.26 -21.39
N ASN B 265 -35.89 29.55 -21.74
CA ASN B 265 -36.47 30.07 -22.98
C ASN B 265 -35.43 29.96 -24.10
N GLY B 266 -35.22 28.75 -24.59
CA GLY B 266 -34.24 28.53 -25.64
C GLY B 266 -32.91 28.06 -25.09
N LYS B 267 -32.74 28.20 -23.77
CA LYS B 267 -31.51 27.77 -23.10
C LYS B 267 -31.78 27.65 -21.61
N VAL B 268 -30.96 26.85 -20.93
CA VAL B 268 -31.11 26.64 -19.50
C VAL B 268 -31.19 27.95 -18.72
N GLU B 269 -32.27 28.12 -17.97
CA GLU B 269 -32.45 29.33 -17.17
C GLU B 269 -32.59 28.96 -15.70
N LYS B 270 -33.09 27.76 -15.45
CA LYS B 270 -33.23 27.30 -14.09
C LYS B 270 -33.51 25.82 -14.05
N ILE B 271 -33.22 25.21 -12.92
CA ILE B 271 -33.44 23.79 -12.72
C ILE B 271 -34.36 23.66 -11.52
N ILE B 272 -35.29 22.72 -11.60
CA ILE B 272 -36.26 22.52 -10.54
C ILE B 272 -36.27 21.10 -9.96
N THR B 273 -36.34 21.03 -8.63
CA THR B 273 -36.37 19.77 -7.93
C THR B 273 -37.69 19.69 -7.16
N ASP B 274 -37.93 18.56 -6.50
CA ASP B 274 -39.15 18.36 -5.73
C ASP B 274 -39.20 19.19 -4.45
N LYS B 275 -38.07 19.80 -4.08
CA LYS B 275 -38.04 20.61 -2.87
C LYS B 275 -37.70 22.08 -3.14
N ASN B 276 -37.06 22.37 -4.27
CA ASN B 276 -36.71 23.75 -4.58
C ASN B 276 -36.57 24.08 -6.04
N GLU B 277 -36.06 25.28 -6.26
CA GLU B 277 -35.86 25.80 -7.61
C GLU B 277 -34.57 26.64 -7.58
N TYR B 278 -33.77 26.56 -8.63
CA TYR B 278 -32.53 27.30 -8.67
C TYR B 278 -32.33 27.94 -10.04
N ASP B 279 -31.90 29.20 -10.05
CA ASP B 279 -31.66 29.91 -11.30
C ASP B 279 -30.22 29.64 -11.73
N VAL B 280 -30.06 28.87 -12.79
CA VAL B 280 -28.73 28.54 -13.27
C VAL B 280 -28.58 28.85 -14.75
N ASP B 281 -27.34 28.89 -15.21
CA ASP B 281 -27.03 29.19 -16.59
C ASP B 281 -26.59 27.94 -17.35
N MET B 282 -26.13 26.94 -16.60
CA MET B 282 -25.69 25.69 -17.22
C MET B 282 -26.00 24.54 -16.28
N VAL B 283 -26.34 23.39 -16.85
CA VAL B 283 -26.64 22.22 -16.05
C VAL B 283 -25.88 21.02 -16.58
N ILE B 284 -25.21 20.30 -15.68
CA ILE B 284 -24.45 19.10 -16.07
C ILE B 284 -25.07 17.86 -15.42
N LEU B 285 -25.36 16.85 -16.22
CA LEU B 285 -25.93 15.63 -15.69
C LEU B 285 -24.87 14.56 -15.46
N ALA B 286 -24.63 14.24 -14.19
CA ALA B 286 -23.65 13.24 -13.82
C ALA B 286 -24.36 12.25 -12.88
N VAL B 287 -25.48 11.72 -13.36
CA VAL B 287 -26.28 10.78 -12.57
C VAL B 287 -25.73 9.36 -12.58
N GLY B 288 -25.02 8.98 -13.64
CA GLY B 288 -24.48 7.63 -13.69
C GLY B 288 -24.40 7.08 -15.09
N PHE B 289 -24.08 5.80 -15.21
CA PHE B 289 -23.96 5.14 -16.51
C PHE B 289 -24.64 3.79 -16.55
N ARG B 290 -25.10 3.41 -17.73
CA ARG B 290 -25.75 2.13 -17.94
C ARG B 290 -25.08 1.46 -19.14
N PRO B 291 -24.97 0.12 -19.11
CA PRO B 291 -24.33 -0.61 -20.21
C PRO B 291 -25.02 -0.50 -21.57
N ASN B 292 -24.22 -0.50 -22.64
CA ASN B 292 -24.73 -0.44 -24.01
C ASN B 292 -24.79 -1.87 -24.51
N THR B 293 -25.89 -2.55 -24.27
CA THR B 293 -26.00 -3.94 -24.69
C THR B 293 -27.14 -4.18 -25.66
N THR B 294 -27.59 -3.12 -26.32
CA THR B 294 -28.68 -3.21 -27.28
C THR B 294 -28.37 -4.24 -28.37
N LEU B 295 -27.11 -4.33 -28.78
CA LEU B 295 -26.72 -5.28 -29.83
C LEU B 295 -26.94 -6.73 -29.43
N GLY B 296 -27.21 -6.95 -28.14
CA GLY B 296 -27.47 -8.30 -27.65
C GLY B 296 -28.70 -8.86 -28.34
N ASN B 297 -29.59 -7.95 -28.74
CA ASN B 297 -30.83 -8.29 -29.42
C ASN B 297 -31.59 -9.40 -28.69
N GLY B 298 -31.49 -9.40 -27.37
CA GLY B 298 -32.17 -10.39 -26.56
C GLY B 298 -31.63 -11.81 -26.69
N LYS B 299 -30.50 -11.97 -27.37
CA LYS B 299 -29.93 -13.29 -27.55
C LYS B 299 -28.81 -13.63 -26.57
N ILE B 300 -28.43 -12.65 -25.76
CA ILE B 300 -27.37 -12.83 -24.77
C ILE B 300 -27.93 -12.55 -23.38
N ASP B 301 -27.59 -13.42 -22.43
CA ASP B 301 -28.06 -13.21 -21.05
C ASP B 301 -27.53 -11.90 -20.49
N LEU B 302 -28.40 -11.17 -19.83
CA LEU B 302 -28.02 -9.90 -19.25
C LEU B 302 -28.12 -9.89 -17.74
N PHE B 303 -27.44 -8.94 -17.14
CA PHE B 303 -27.42 -8.76 -15.70
C PHE B 303 -28.63 -7.88 -15.37
N ARG B 304 -28.97 -7.79 -14.09
CA ARG B 304 -30.11 -6.98 -13.66
C ARG B 304 -30.15 -5.58 -14.25
N ASN B 305 -28.99 -4.95 -14.41
CA ASN B 305 -28.94 -3.57 -14.94
C ASN B 305 -28.83 -3.51 -16.46
N GLY B 306 -28.84 -4.67 -17.11
CA GLY B 306 -28.72 -4.70 -18.56
C GLY B 306 -27.34 -5.04 -19.08
N ALA B 307 -26.35 -5.14 -18.20
CA ALA B 307 -24.99 -5.46 -18.60
C ALA B 307 -24.87 -6.91 -19.07
N PHE B 308 -24.06 -7.16 -20.10
CA PHE B 308 -23.86 -8.52 -20.59
C PHE B 308 -23.36 -9.36 -19.42
N LEU B 309 -24.06 -10.45 -19.11
CA LEU B 309 -23.64 -11.30 -17.99
C LEU B 309 -22.51 -12.22 -18.45
N VAL B 310 -21.32 -12.05 -17.88
CA VAL B 310 -20.18 -12.86 -18.27
C VAL B 310 -19.57 -13.65 -17.11
N ASN B 311 -18.74 -14.63 -17.45
CA ASN B 311 -18.08 -15.46 -16.45
C ASN B 311 -16.68 -14.91 -16.19
N LYS B 312 -15.86 -15.69 -15.48
CA LYS B 312 -14.49 -15.30 -15.15
C LYS B 312 -13.60 -15.07 -16.38
N ARG B 313 -13.99 -15.64 -17.52
CA ARG B 313 -13.22 -15.50 -18.75
C ARG B 313 -13.76 -14.38 -19.66
N GLN B 314 -14.76 -13.66 -19.16
CA GLN B 314 -15.40 -12.56 -19.87
C GLN B 314 -16.24 -13.00 -21.06
N GLU B 315 -16.65 -14.26 -21.06
CA GLU B 315 -17.48 -14.74 -22.17
C GLU B 315 -18.97 -14.70 -21.81
N THR B 316 -19.77 -14.29 -22.79
CA THR B 316 -21.21 -14.18 -22.64
C THR B 316 -21.87 -15.57 -22.67
N SER B 317 -23.20 -15.60 -22.68
CA SER B 317 -23.95 -16.85 -22.72
C SER B 317 -23.87 -17.48 -24.12
N ILE B 318 -23.32 -16.73 -25.07
CA ILE B 318 -23.16 -17.22 -26.44
C ILE B 318 -21.69 -17.54 -26.67
N PRO B 319 -21.35 -18.84 -26.77
CA PRO B 319 -19.95 -19.25 -26.98
C PRO B 319 -19.29 -18.43 -28.08
N GLY B 320 -18.02 -18.10 -27.89
CA GLY B 320 -17.30 -17.32 -28.89
C GLY B 320 -17.56 -15.83 -28.81
N VAL B 321 -18.53 -15.43 -27.99
CA VAL B 321 -18.88 -14.02 -27.81
C VAL B 321 -18.50 -13.56 -26.40
N TYR B 322 -17.63 -12.56 -26.32
CA TYR B 322 -17.18 -12.01 -25.05
C TYR B 322 -17.68 -10.58 -24.87
N ALA B 323 -17.61 -10.08 -23.63
CA ALA B 323 -18.03 -8.72 -23.31
C ALA B 323 -17.11 -8.18 -22.20
N ILE B 324 -16.62 -6.96 -22.38
CA ILE B 324 -15.71 -6.38 -21.41
C ILE B 324 -16.04 -4.93 -21.10
N GLY B 325 -15.37 -4.40 -20.08
CA GLY B 325 -15.60 -3.02 -19.68
C GLY B 325 -16.98 -2.67 -19.18
N ASP B 326 -17.36 -1.42 -19.41
CA ASP B 326 -18.64 -0.87 -18.98
C ASP B 326 -19.90 -1.52 -19.56
N CYS B 327 -19.75 -2.42 -20.52
CA CYS B 327 -20.94 -3.07 -21.09
C CYS B 327 -21.19 -4.45 -20.46
N ALA B 328 -20.25 -4.91 -19.64
CA ALA B 328 -20.37 -6.23 -19.01
C ALA B 328 -20.23 -6.19 -17.50
N THR B 329 -20.54 -7.33 -16.87
CA THR B 329 -20.45 -7.45 -15.43
C THR B 329 -19.01 -7.77 -15.08
N ILE B 330 -18.78 -7.97 -13.79
CA ILE B 330 -17.46 -8.33 -13.28
C ILE B 330 -17.69 -9.03 -11.95
N TYR B 331 -16.72 -9.83 -11.51
CA TYR B 331 -16.87 -10.51 -10.23
C TYR B 331 -16.29 -9.64 -9.13
N ASP B 332 -17.11 -9.39 -8.10
CA ASP B 332 -16.75 -8.56 -6.97
C ASP B 332 -16.33 -9.45 -5.79
N ASN B 333 -15.05 -9.41 -5.41
CA ASN B 333 -14.55 -10.23 -4.31
C ASN B 333 -15.00 -9.76 -2.93
N ALA B 334 -15.49 -8.52 -2.87
CA ALA B 334 -15.97 -7.97 -1.60
C ALA B 334 -17.32 -8.59 -1.28
N THR B 335 -18.21 -8.61 -2.28
CA THR B 335 -19.55 -9.18 -2.11
C THR B 335 -19.50 -10.67 -2.45
N ARG B 336 -18.43 -11.08 -3.13
CA ARG B 336 -18.23 -12.45 -3.58
C ARG B 336 -19.35 -12.84 -4.51
N ASP B 337 -19.66 -11.95 -5.43
CA ASP B 337 -20.75 -12.18 -6.35
C ASP B 337 -20.57 -11.33 -7.59
N THR B 338 -21.35 -11.61 -8.62
CA THR B 338 -21.28 -10.86 -9.88
C THR B 338 -21.75 -9.46 -9.56
N ASN B 339 -21.17 -8.47 -10.22
CA ASN B 339 -21.56 -7.08 -9.95
C ASN B 339 -21.26 -6.23 -11.17
N TYR B 340 -21.67 -4.96 -11.13
CA TYR B 340 -21.40 -4.04 -12.21
C TYR B 340 -20.65 -2.87 -11.60
N ILE B 341 -19.44 -2.64 -12.08
CA ILE B 341 -18.58 -1.55 -11.58
C ILE B 341 -17.90 -0.87 -12.77
N ALA B 342 -18.46 0.25 -13.19
CA ALA B 342 -17.94 1.02 -14.31
C ALA B 342 -16.72 1.87 -13.97
N LEU B 343 -15.54 1.27 -14.08
CA LEU B 343 -14.28 1.97 -13.81
C LEU B 343 -13.24 1.60 -14.87
N ALA B 344 -12.39 2.55 -15.20
CA ALA B 344 -11.34 2.33 -16.21
C ALA B 344 -10.45 1.16 -15.77
N SER B 345 -10.15 1.10 -14.48
CA SER B 345 -9.32 0.02 -13.95
C SER B 345 -9.90 -1.33 -14.36
N ASN B 346 -11.22 -1.48 -14.25
CA ASN B 346 -11.84 -2.74 -14.63
C ASN B 346 -11.87 -2.91 -16.14
N ALA B 347 -12.06 -1.79 -16.86
CA ALA B 347 -12.08 -1.84 -18.32
C ALA B 347 -10.79 -2.49 -18.80
N VAL B 348 -9.68 -1.99 -18.29
CA VAL B 348 -8.35 -2.49 -18.64
C VAL B 348 -8.12 -3.98 -18.37
N ARG B 349 -8.41 -4.41 -17.14
CA ARG B 349 -8.21 -5.81 -16.76
C ARG B 349 -9.13 -6.82 -17.43
N THR B 350 -10.40 -6.47 -17.58
CA THR B 350 -11.34 -7.37 -18.25
C THR B 350 -10.92 -7.53 -19.72
N GLY B 351 -10.44 -6.42 -20.32
CA GLY B 351 -10.02 -6.46 -21.70
C GLY B 351 -8.83 -7.37 -21.92
N ILE B 352 -7.93 -7.41 -20.95
CA ILE B 352 -6.72 -8.25 -21.03
C ILE B 352 -7.09 -9.73 -20.91
N VAL B 353 -8.03 -10.03 -20.01
CA VAL B 353 -8.49 -11.41 -19.82
C VAL B 353 -9.22 -11.92 -21.06
N ALA B 354 -10.14 -11.12 -21.59
CA ALA B 354 -10.89 -11.52 -22.77
C ALA B 354 -9.94 -11.78 -23.95
N ALA B 355 -8.90 -10.95 -24.07
CA ALA B 355 -7.92 -11.09 -25.15
C ALA B 355 -7.25 -12.47 -25.15
N HIS B 356 -6.67 -12.83 -24.01
CA HIS B 356 -6.00 -14.12 -23.89
C HIS B 356 -6.95 -15.28 -24.18
N ASN B 357 -8.11 -15.28 -23.54
CA ASN B 357 -9.09 -16.35 -23.76
C ASN B 357 -9.53 -16.44 -25.22
N ALA B 358 -9.83 -15.29 -25.82
CA ALA B 358 -10.28 -15.24 -27.21
C ALA B 358 -9.20 -15.72 -28.17
N CYS B 359 -7.95 -15.60 -27.75
CA CYS B 359 -6.85 -16.02 -28.61
C CYS B 359 -6.31 -17.41 -28.25
N GLY B 360 -7.12 -18.19 -27.55
CA GLY B 360 -6.73 -19.56 -27.21
C GLY B 360 -5.98 -19.80 -25.92
N THR B 361 -5.62 -18.74 -25.21
CA THR B 361 -4.90 -18.90 -23.94
C THR B 361 -5.88 -18.90 -22.78
N ASP B 362 -6.00 -20.02 -22.09
CA ASP B 362 -6.91 -20.09 -20.96
C ASP B 362 -6.39 -19.21 -19.83
N LEU B 363 -7.21 -18.25 -19.42
CA LEU B 363 -6.87 -17.33 -18.36
C LEU B 363 -8.15 -16.92 -17.66
N GLU B 364 -8.26 -17.33 -16.40
CA GLU B 364 -9.43 -17.02 -15.62
C GLU B 364 -9.21 -15.75 -14.80
N GLY B 365 -10.15 -14.81 -14.91
CA GLY B 365 -10.03 -13.56 -14.17
C GLY B 365 -10.10 -13.81 -12.67
N ILE B 366 -9.62 -12.85 -11.88
CA ILE B 366 -9.61 -13.02 -10.43
C ILE B 366 -10.61 -12.14 -9.65
N GLY B 367 -11.34 -11.27 -10.35
CA GLY B 367 -12.29 -10.39 -9.68
C GLY B 367 -11.71 -9.04 -9.30
N VAL B 368 -12.55 -8.14 -8.82
CA VAL B 368 -12.13 -6.80 -8.42
C VAL B 368 -12.82 -6.34 -7.13
N GLN B 369 -12.32 -5.26 -6.52
CA GLN B 369 -12.88 -4.75 -5.27
C GLN B 369 -13.51 -3.36 -5.35
N GLY B 370 -13.58 -2.79 -6.55
CA GLY B 370 -14.14 -1.47 -6.68
C GLY B 370 -13.22 -0.42 -6.06
N SER B 371 -11.94 -0.72 -6.00
CA SER B 371 -10.96 0.20 -5.44
C SER B 371 -11.05 1.54 -6.18
N ASN B 372 -10.93 2.63 -5.44
CA ASN B 372 -11.05 3.94 -6.05
C ASN B 372 -10.44 5.02 -5.19
N GLY B 373 -10.20 6.18 -5.80
CA GLY B 373 -9.64 7.30 -5.09
C GLY B 373 -10.29 8.60 -5.51
N ILE B 374 -10.14 9.63 -4.68
CA ILE B 374 -10.69 10.94 -5.00
C ILE B 374 -9.89 12.02 -4.27
N SER B 375 -9.65 13.13 -4.96
CA SER B 375 -8.88 14.23 -4.41
C SER B 375 -9.60 15.54 -4.69
N ILE B 376 -10.09 16.19 -3.64
CA ILE B 376 -10.82 17.44 -3.78
C ILE B 376 -10.29 18.45 -2.77
N TYR B 377 -9.88 19.62 -3.27
CA TYR B 377 -9.38 20.69 -2.41
C TYR B 377 -8.38 20.21 -1.35
N GLY B 378 -7.45 19.34 -1.73
CA GLY B 378 -6.46 18.88 -0.77
C GLY B 378 -6.89 17.78 0.19
N LEU B 379 -8.10 17.26 0.02
CA LEU B 379 -8.57 16.17 0.87
C LEU B 379 -8.47 14.91 0.01
N HIS B 380 -7.62 13.98 0.39
CA HIS B 380 -7.43 12.75 -0.36
C HIS B 380 -8.10 11.55 0.31
N MET B 381 -8.95 10.85 -0.43
CA MET B 381 -9.61 9.68 0.13
C MET B 381 -9.53 8.51 -0.85
N VAL B 382 -9.43 7.30 -0.31
CA VAL B 382 -9.38 6.08 -1.10
C VAL B 382 -10.22 5.06 -0.37
N SER B 383 -10.84 4.17 -1.14
CA SER B 383 -11.64 3.13 -0.54
C SER B 383 -11.62 1.92 -1.45
N THR B 384 -11.96 0.78 -0.89
CA THR B 384 -11.99 -0.43 -1.67
C THR B 384 -13.00 -1.33 -0.98
N GLY B 385 -13.64 -2.19 -1.76
CA GLY B 385 -14.63 -3.08 -1.19
C GLY B 385 -15.88 -2.34 -0.74
N LEU B 386 -16.53 -2.90 0.28
CA LEU B 386 -17.77 -2.37 0.83
C LEU B 386 -17.66 -1.42 2.03
N THR B 387 -18.51 -0.39 2.05
CA THR B 387 -18.55 0.54 3.18
C THR B 387 -19.42 -0.21 4.20
N LEU B 388 -19.47 0.23 5.45
CA LEU B 388 -20.29 -0.46 6.44
C LEU B 388 -21.76 -0.42 6.01
N GLU B 389 -22.21 0.75 5.55
CA GLU B 389 -23.59 0.92 5.11
C GLU B 389 -23.91 0.05 3.91
N LYS B 390 -23.01 0.02 2.94
CA LYS B 390 -23.21 -0.76 1.73
C LYS B 390 -23.24 -2.26 2.07
N ALA B 391 -22.34 -2.68 2.96
CA ALA B 391 -22.26 -4.07 3.37
C ALA B 391 -23.59 -4.47 3.98
N LYS B 392 -24.15 -3.59 4.80
CA LYS B 392 -25.42 -3.86 5.45
C LYS B 392 -26.58 -3.81 4.45
N ARG B 393 -26.52 -2.91 3.48
CA ARG B 393 -27.56 -2.80 2.47
C ARG B 393 -27.57 -4.07 1.61
N LEU B 394 -26.52 -4.87 1.75
CA LEU B 394 -26.42 -6.11 1.00
C LEU B 394 -26.68 -7.32 1.88
N GLY B 395 -26.98 -7.08 3.15
CA GLY B 395 -27.30 -8.17 4.04
C GLY B 395 -26.16 -8.70 4.88
N PHE B 396 -24.99 -8.09 4.79
CA PHE B 396 -23.85 -8.55 5.58
C PHE B 396 -23.95 -8.10 7.03
N ASP B 397 -23.60 -9.01 7.94
CA ASP B 397 -23.61 -8.73 9.37
C ASP B 397 -22.23 -8.11 9.59
N ALA B 398 -22.04 -6.91 9.04
CA ALA B 398 -20.77 -6.22 9.10
C ALA B 398 -20.57 -5.31 10.29
N ALA B 399 -19.31 -4.97 10.51
CA ALA B 399 -18.90 -4.08 11.59
C ALA B 399 -17.70 -3.33 11.05
N VAL B 400 -17.41 -2.18 11.63
CA VAL B 400 -16.27 -1.40 11.20
C VAL B 400 -15.37 -1.15 12.41
N THR B 401 -14.07 -1.12 12.17
CA THR B 401 -13.10 -0.82 13.22
C THR B 401 -12.28 0.33 12.62
N GLU B 402 -12.24 1.46 13.31
CA GLU B 402 -11.50 2.60 12.77
C GLU B 402 -10.48 3.19 13.72
N TYR B 403 -9.70 4.12 13.19
CA TYR B 403 -8.66 4.74 13.97
C TYR B 403 -8.19 6.00 13.28
N THR B 404 -7.83 6.99 14.10
CA THR B 404 -7.31 8.25 13.59
C THR B 404 -6.06 8.55 14.40
N ASP B 405 -4.96 8.80 13.71
CA ASP B 405 -3.70 9.09 14.38
C ASP B 405 -2.78 9.72 13.34
N ASN B 406 -1.68 10.31 13.79
CA ASN B 406 -0.73 10.92 12.88
C ASN B 406 0.00 9.83 12.12
N GLN B 407 0.45 10.16 10.91
CA GLN B 407 1.17 9.23 10.06
C GLN B 407 2.49 8.81 10.70
N LYS B 408 3.18 9.76 11.31
CA LYS B 408 4.48 9.52 11.90
C LYS B 408 4.58 9.91 13.38
N PRO B 409 5.67 9.51 14.04
CA PRO B 409 5.84 9.84 15.45
C PRO B 409 5.73 11.34 15.68
N GLU B 410 5.23 11.70 16.85
CA GLU B 410 5.04 13.09 17.20
C GLU B 410 6.34 13.88 17.17
N PHE B 411 7.47 13.23 17.43
CA PHE B 411 8.74 13.94 17.42
C PHE B 411 9.25 14.36 16.06
N ILE B 412 8.53 13.99 15.00
CA ILE B 412 8.92 14.36 13.65
C ILE B 412 8.64 15.85 13.43
N GLU B 413 9.68 16.58 13.05
CA GLU B 413 9.60 18.03 12.81
C GLU B 413 8.54 18.46 11.79
N HIS B 414 8.65 17.98 10.56
CA HIS B 414 7.72 18.37 9.50
C HIS B 414 7.20 17.20 8.68
N GLY B 415 6.12 17.46 7.95
CA GLY B 415 5.54 16.44 7.10
C GLY B 415 4.64 15.43 7.79
N ASN B 416 4.21 15.75 9.01
CA ASN B 416 3.33 14.84 9.74
C ASN B 416 1.91 15.29 9.44
N PHE B 417 0.95 14.37 9.57
CA PHE B 417 -0.46 14.67 9.28
C PHE B 417 -1.36 13.55 9.80
N PRO B 418 -2.59 13.89 10.21
CA PRO B 418 -3.50 12.85 10.70
C PRO B 418 -4.08 12.05 9.56
N VAL B 419 -4.43 10.81 9.86
CA VAL B 419 -5.03 9.91 8.88
C VAL B 419 -6.18 9.21 9.60
N THR B 420 -7.28 9.00 8.89
CA THR B 420 -8.40 8.27 9.47
C THR B 420 -8.56 7.00 8.65
N ILE B 421 -8.62 5.86 9.32
CA ILE B 421 -8.77 4.60 8.63
C ILE B 421 -9.99 3.85 9.15
N LYS B 422 -10.72 3.24 8.23
CA LYS B 422 -11.90 2.46 8.55
C LYS B 422 -11.73 1.09 7.89
N ILE B 423 -11.92 0.02 8.66
CA ILE B 423 -11.83 -1.34 8.11
C ILE B 423 -13.13 -2.09 8.39
N VAL B 424 -13.88 -2.37 7.34
CA VAL B 424 -15.15 -3.07 7.47
C VAL B 424 -14.94 -4.57 7.32
N TYR B 425 -15.49 -5.35 8.24
CA TYR B 425 -15.33 -6.79 8.19
C TYR B 425 -16.63 -7.48 8.55
N ASP B 426 -16.69 -8.78 8.25
CA ASP B 426 -17.86 -9.59 8.54
C ASP B 426 -17.68 -10.13 9.95
N LYS B 427 -18.63 -9.83 10.82
CA LYS B 427 -18.57 -10.27 12.20
C LYS B 427 -18.53 -11.79 12.34
N ASP B 428 -19.15 -12.48 11.40
CA ASP B 428 -19.20 -13.94 11.44
C ASP B 428 -17.96 -14.63 10.89
N SER B 429 -17.64 -14.38 9.62
CA SER B 429 -16.48 -15.00 9.00
C SER B 429 -15.19 -14.25 9.29
N ARG B 430 -15.30 -13.03 9.82
CA ARG B 430 -14.13 -12.21 10.15
C ARG B 430 -13.43 -11.74 8.89
N ARG B 431 -13.95 -12.14 7.74
CA ARG B 431 -13.38 -11.76 6.45
C ARG B 431 -13.48 -10.24 6.22
N ILE B 432 -12.43 -9.64 5.69
CA ILE B 432 -12.41 -8.20 5.44
C ILE B 432 -13.27 -7.89 4.23
N LEU B 433 -14.20 -6.94 4.38
CA LEU B 433 -15.12 -6.55 3.31
C LEU B 433 -14.79 -5.22 2.63
N GLY B 434 -14.07 -4.34 3.33
CA GLY B 434 -13.72 -3.06 2.73
C GLY B 434 -12.81 -2.22 3.61
N ALA B 435 -12.35 -1.09 3.08
CA ALA B 435 -11.49 -0.18 3.82
C ALA B 435 -11.55 1.21 3.20
N GLN B 436 -11.41 2.23 4.03
CA GLN B 436 -11.43 3.61 3.55
C GLN B 436 -10.33 4.40 4.27
N MET B 437 -9.75 5.36 3.59
CA MET B 437 -8.73 6.19 4.20
C MET B 437 -8.90 7.62 3.73
N ALA B 438 -8.69 8.55 4.65
CA ALA B 438 -8.78 9.98 4.36
C ALA B 438 -7.68 10.70 5.11
N ALA B 439 -7.03 11.63 4.42
CA ALA B 439 -5.94 12.42 4.97
C ALA B 439 -5.71 13.60 4.02
N ARG B 440 -4.92 14.57 4.46
CA ARG B 440 -4.65 15.70 3.61
C ARG B 440 -3.30 15.55 2.94
N GLU B 441 -2.78 14.34 3.00
CA GLU B 441 -1.52 14.02 2.33
C GLU B 441 -1.80 12.65 1.70
N ASP B 442 -1.21 12.41 0.54
CA ASP B 442 -1.41 11.18 -0.22
C ASP B 442 -1.01 9.85 0.41
N VAL B 443 -1.99 9.12 0.95
CA VAL B 443 -1.72 7.80 1.55
C VAL B 443 -2.36 6.73 0.65
N SER B 444 -2.73 7.12 -0.57
CA SER B 444 -3.38 6.24 -1.54
C SER B 444 -2.73 4.87 -1.76
N MET B 445 -1.40 4.83 -1.81
CA MET B 445 -0.68 3.56 -2.01
C MET B 445 -1.18 2.54 -0.99
N GLY B 446 -1.62 3.04 0.15
CA GLY B 446 -2.09 2.17 1.21
C GLY B 446 -3.33 1.34 0.93
N ILE B 447 -4.23 1.84 0.08
CA ILE B 447 -5.45 1.11 -0.21
C ILE B 447 -5.20 -0.21 -0.96
N HIS B 448 -4.08 -0.31 -1.66
CA HIS B 448 -3.75 -1.51 -2.43
C HIS B 448 -3.65 -2.75 -1.56
N MET B 449 -3.06 -2.60 -0.39
CA MET B 449 -2.91 -3.73 0.51
C MET B 449 -4.31 -4.25 0.87
N PHE B 450 -5.25 -3.33 1.13
CA PHE B 450 -6.59 -3.75 1.50
C PHE B 450 -7.35 -4.39 0.34
N SER B 451 -7.13 -3.87 -0.87
CA SER B 451 -7.76 -4.42 -2.06
C SER B 451 -7.30 -5.87 -2.23
N LEU B 452 -6.01 -6.11 -2.00
CA LEU B 452 -5.46 -7.47 -2.10
C LEU B 452 -6.00 -8.32 -0.94
N ALA B 453 -6.14 -7.71 0.23
CA ALA B 453 -6.64 -8.39 1.43
C ALA B 453 -8.04 -8.95 1.18
N ILE B 454 -8.91 -8.13 0.61
CA ILE B 454 -10.28 -8.51 0.28
C ILE B 454 -10.29 -9.64 -0.77
N GLN B 455 -9.41 -9.50 -1.77
CA GLN B 455 -9.28 -10.48 -2.83
C GLN B 455 -8.91 -11.84 -2.26
N GLU B 456 -7.92 -11.83 -1.36
CA GLU B 456 -7.40 -13.05 -0.73
C GLU B 456 -8.21 -13.56 0.45
N GLY B 457 -9.30 -12.86 0.80
CA GLY B 457 -10.14 -13.30 1.91
C GLY B 457 -9.49 -13.27 3.28
N VAL B 458 -8.55 -12.34 3.50
CA VAL B 458 -7.86 -12.23 4.77
C VAL B 458 -8.84 -11.79 5.86
N THR B 459 -8.72 -12.38 7.04
CA THR B 459 -9.59 -12.03 8.15
C THR B 459 -9.03 -10.82 8.91
N ILE B 460 -9.86 -10.16 9.71
CA ILE B 460 -9.42 -8.99 10.43
C ILE B 460 -8.36 -9.36 11.47
N GLU B 461 -8.48 -10.56 12.03
CA GLU B 461 -7.51 -11.04 13.02
C GLU B 461 -6.17 -11.28 12.34
N LYS B 462 -6.19 -11.87 11.16
CA LYS B 462 -4.95 -12.14 10.45
C LYS B 462 -4.31 -10.83 10.06
N LEU B 463 -5.11 -9.88 9.61
CA LEU B 463 -4.58 -8.59 9.19
C LEU B 463 -3.86 -7.87 10.33
N ALA B 464 -4.40 -7.99 11.54
CA ALA B 464 -3.79 -7.33 12.70
C ALA B 464 -2.35 -7.78 12.94
N LEU B 465 -2.00 -8.99 12.51
CA LEU B 465 -0.65 -9.51 12.71
C LEU B 465 0.26 -9.40 11.48
N THR B 466 -0.27 -8.84 10.39
CA THR B 466 0.50 -8.69 9.18
C THR B 466 1.74 -7.81 9.41
N ASP B 467 2.85 -8.21 8.81
CA ASP B 467 4.11 -7.50 8.93
C ASP B 467 4.14 -6.12 8.25
N ILE B 468 3.96 -5.09 9.06
CA ILE B 468 3.97 -3.69 8.61
C ILE B 468 5.29 -3.11 9.13
N PHE B 469 6.18 -2.75 8.24
CA PHE B 469 7.47 -2.20 8.68
C PHE B 469 7.34 -0.91 9.47
N PHE B 470 8.42 -0.56 10.14
CA PHE B 470 8.49 0.67 10.91
C PHE B 470 9.77 1.45 10.59
N LEU B 471 9.60 2.76 10.39
CA LEU B 471 10.71 3.67 10.14
C LEU B 471 10.09 5.00 10.51
N PRO B 472 10.64 5.68 11.52
CA PRO B 472 10.11 6.98 11.96
C PRO B 472 9.81 7.98 10.84
N HIS B 473 10.63 7.97 9.80
CA HIS B 473 10.44 8.89 8.68
C HIS B 473 9.15 8.63 7.91
N PHE B 474 8.67 7.40 7.97
CA PHE B 474 7.47 7.02 7.23
C PHE B 474 6.24 6.78 8.07
N ASN B 475 6.39 6.08 9.20
CA ASN B 475 5.25 5.77 10.05
C ASN B 475 5.60 5.62 11.53
N LYS B 476 4.64 5.15 12.33
CA LYS B 476 4.80 4.94 13.76
C LYS B 476 4.90 3.43 14.01
N PRO B 477 5.52 3.03 15.13
CA PRO B 477 5.65 1.59 15.43
C PRO B 477 4.26 0.97 15.54
N TYR B 478 3.35 1.70 16.17
CA TYR B 478 1.97 1.28 16.30
C TYR B 478 1.17 2.13 15.32
N ASN B 479 1.37 1.85 14.04
CA ASN B 479 0.71 2.56 12.94
C ASN B 479 -0.81 2.40 13.03
N TYR B 480 -1.54 3.23 12.29
CA TYR B 480 -3.00 3.18 12.34
C TYR B 480 -3.67 1.96 11.73
N ILE B 481 -2.98 1.27 10.82
CA ILE B 481 -3.56 0.07 10.18
C ILE B 481 -3.58 -1.05 11.21
N THR B 482 -2.42 -1.26 11.83
CA THR B 482 -2.26 -2.28 12.84
C THR B 482 -3.18 -2.00 14.01
N MET B 483 -3.23 -0.73 14.41
CA MET B 483 -4.06 -0.32 15.53
C MET B 483 -5.53 -0.53 15.24
N ALA B 484 -5.95 -0.16 14.03
CA ALA B 484 -7.34 -0.32 13.64
C ALA B 484 -7.70 -1.81 13.64
N ALA B 485 -6.86 -2.63 13.02
CA ALA B 485 -7.12 -4.06 12.94
C ALA B 485 -7.20 -4.70 14.33
N LEU B 486 -6.22 -4.38 15.18
CA LEU B 486 -6.17 -4.90 16.55
C LEU B 486 -7.39 -4.49 17.36
N GLY B 487 -8.05 -3.42 16.94
CA GLY B 487 -9.21 -2.92 17.64
C GLY B 487 -10.56 -3.43 17.21
N ALA B 488 -10.60 -4.53 16.46
CA ALA B 488 -11.87 -5.09 16.02
C ALA B 488 -12.66 -5.55 17.26
N LYS B 489 -13.60 -4.71 17.69
CA LYS B 489 -14.42 -5.01 18.87
C LYS B 489 -15.48 -6.08 18.62
N ASP B 490 -16.15 -6.00 17.48
CA ASP B 490 -17.18 -6.96 17.15
C ASP B 490 -16.57 -8.25 16.64
N1 AZI C . 13.75 0.73 17.65
N2 AZI C . 13.71 1.58 16.67
N3 AZI C . 13.70 2.68 16.04
PA FAD D . 16.16 -5.09 23.06
O1A FAD D . 17.51 -5.67 22.88
O2A FAD D . 15.86 -3.74 22.50
O5B FAD D . 15.75 -5.05 24.61
C5B FAD D . 15.91 -6.16 25.50
C4B FAD D . 15.60 -5.63 26.90
O4B FAD D . 15.70 -6.67 27.89
C3B FAD D . 16.53 -4.50 27.35
O3B FAD D . 15.77 -3.42 27.94
C2B FAD D . 17.46 -5.15 28.34
O2B FAD D . 17.92 -4.20 29.32
C1B FAD D . 16.60 -6.26 28.93
N9A FAD D . 17.38 -7.43 29.41
C8A FAD D . 18.26 -8.19 28.71
N7A FAD D . 18.77 -9.16 29.48
C5A FAD D . 18.21 -9.01 30.66
C6A FAD D . 18.31 -9.66 31.86
N6A FAD D . 19.13 -10.71 31.96
N1A FAD D . 17.59 -9.29 32.96
C2A FAD D . 16.74 -8.24 32.92
N3A FAD D . 16.60 -7.54 31.78
C4A FAD D . 17.30 -7.90 30.66
N1 FAD D . 13.67 -1.50 13.90
C2 FAD D . 12.67 -1.11 13.08
O2 FAD D . 11.68 -1.84 12.92
N3 FAD D . 12.76 0.13 12.40
C4 FAD D . 13.89 0.96 12.59
O4 FAD D . 13.91 2.09 12.05
C4X FAD D . 14.93 0.54 13.45
N5 FAD D . 16.05 1.29 13.63
C5X FAD D . 17.08 0.92 14.47
C6 FAD D . 18.19 1.81 14.62
C7 FAD D . 19.26 1.49 15.51
C7M FAD D . 20.43 2.49 15.62
C8 FAD D . 19.20 0.25 16.26
C8M FAD D . 20.33 -0.13 17.23
C9 FAD D . 18.10 -0.62 16.11
C9A FAD D . 17.00 -0.30 15.19
N10 FAD D . 15.85 -1.15 15.02
C10 FAD D . 14.80 -0.73 14.14
C1' FAD D . 15.76 -2.51 15.64
C2' FAD D . 14.96 -2.51 16.95
O2' FAD D . 15.42 -1.42 17.75
C3' FAD D . 15.11 -3.88 17.64
O3' FAD D . 14.58 -4.86 16.75
C4' FAD D . 14.33 -3.90 18.96
O4' FAD D . 14.93 -2.95 19.84
C5' FAD D . 14.36 -5.21 19.68
O5' FAD D . 13.57 -5.08 20.85
P FAD D . 13.62 -6.18 22.00
O1P FAD D . 12.71 -5.75 23.08
O2P FAD D . 13.39 -7.52 21.37
O3P FAD D . 15.13 -6.16 22.46
N1 AZI E . -10.22 8.46 -16.37
N2 AZI E . -10.86 7.56 -17.03
N3 AZI E . -11.53 7.01 -17.97
PA FAD F . -16.71 3.37 -22.92
O1A FAD F . -18.15 3.58 -22.68
O2A FAD F . -15.74 4.39 -22.46
O5B FAD F . -16.40 3.15 -24.47
C5B FAD F . -17.15 2.23 -25.30
C4B FAD F . -16.69 2.47 -26.74
O4B FAD F . -17.42 1.66 -27.68
C3B FAD F . -16.83 3.92 -27.19
O3B FAD F . -15.61 4.36 -27.81
C2B FAD F . -18.01 3.89 -28.16
O2B FAD F . -17.85 4.90 -29.19
C1B FAD F . -17.98 2.48 -28.71
N9A FAD F . -19.33 1.96 -29.08
C8A FAD F . -20.41 1.87 -28.28
N7A FAD F . -21.46 1.34 -28.93
C5A FAD F . -21.00 1.10 -30.16
C6A FAD F . -21.56 0.57 -31.28
N6A FAD F . -22.84 0.18 -31.24
N1A FAD F . -20.87 0.42 -32.46
C2A FAD F . -19.57 0.79 -32.56
N3A FAD F . -18.97 1.33 -31.47
C4A FAD F . -19.64 1.48 -30.29
N1 FAD F . -12.50 5.31 -13.88
C2 FAD F . -11.47 5.14 -13.02
O2 FAD F . -11.04 4.01 -12.79
N3 FAD F . -10.88 6.28 -12.41
C4 FAD F . -11.37 7.57 -12.68
O4 FAD F . -10.78 8.56 -12.21
C4X FAD F . -12.44 7.74 -13.57
N5 FAD F . -12.95 8.98 -13.84
C5X FAD F . -13.99 9.18 -14.73
C6 FAD F . -14.42 10.50 -14.97
C7 FAD F . -15.47 10.76 -15.90
C7M FAD F . -15.89 12.22 -16.12
C8 FAD F . -16.09 9.65 -16.58
C8M FAD F . -17.22 9.86 -17.61
C9 FAD F . -15.66 8.34 -16.34
C9A FAD F . -14.59 8.07 -15.39
N10 FAD F . -14.11 6.74 -15.11
C10 FAD F . -13.01 6.56 -14.19
C1' FAD F . -14.77 5.52 -15.66
C2' FAD F . -14.15 5.03 -16.96
O2' FAD F . -14.02 6.15 -17.83
C3' FAD F . -15.01 3.91 -17.56
O3' FAD F . -15.07 2.85 -16.63
C4' FAD F . -14.37 3.42 -18.87
O4' FAD F . -14.36 4.49 -19.83
C5' FAD F . -15.10 2.28 -19.53
O5' FAD F . -14.37 1.97 -20.71
P FAD F . -15.05 1.09 -21.85
O1P FAD F . -14.07 0.98 -22.95
O2P FAD F . -15.56 -0.14 -21.21
O3P FAD F . -16.35 1.94 -22.28
#